data_8ZV2
#
_entry.id   8ZV2
#
_cell.length_a   1.00
_cell.length_b   1.00
_cell.length_c   1.00
_cell.angle_alpha   90.00
_cell.angle_beta   90.00
_cell.angle_gamma   90.00
#
_symmetry.space_group_name_H-M   'P 1'
#
loop_
_entity.id
_entity.type
_entity.pdbx_description
1 polymer 'Propionyl-CoA carboxylase alpha chain, mitochondrial'
2 polymer 'Propionyl-CoA carboxylase beta chain, mitochondrial'
3 polymer 'Propionyl-CoA carboxylase beta chain, mitochondrial'
4 non-polymer BIOTIN
5 non-polymer "ADENOSINE-5'-TRIPHOSPHATE"
6 non-polymer 'MAGNESIUM ION'
#
loop_
_entity_poly.entity_id
_entity_poly.type
_entity_poly.pdbx_seq_one_letter_code
_entity_poly.pdbx_strand_id
1 'polypeptide(L)'
;MAGFWVGTAPLVAAGRRGRWPPQQLMLSAALRTLKHVLYYSRQCLMVSRNLGSVGYDPNEKTFDKILVANRGEIACRVIR
TCKKMGIKTVAIHSDVDASSVHVKMADEAVCVGPAPTSKSYLNMDAIMEAIKKTRAQAVHPGYGFLSENKEFARCLAAED
VVFIGPDTHAIQAMGDKIESKLLAKKAEVNTIPGFDGVVKDAEEAVRIAREIGYPVMIKASAGGGGKGMRIAWDDEETRD
GFRLSSQEAASSFGDDRLLIEKFIDNPRHIEIQVLGDKHGNALWLNERECSIQRRNQKVVEEAPSIFLDAETRRAMGEQA
VALARAVKYSSAGTVEFLVDSKKNFYFLEMNTRLQVEHPVTECITGLDLVQEMIRVAKGYPLRHKQADIRINGWAVECRV
YAEDPYKSFGLPSIGRLSQYQEPLHLPGVRVDSGIQPGSDISIYYDPMISKLITYGSDRTEALKRMADALDNYVIRGVTH
NIALLREVIINSRFVKGDISTKFLSDVYPDGFKGHMLTKSEKNQLLAIASSLFVAFQLRAQHFQENSRMPVIKPDIANWE
LSVKLHDKVHTVVASNNGSVFSVEVDGSKLNVTSTWNLASPLLSVSVDGTQRTVQCLSREAGGNMSIQFLGTVYKVNILT
RLAAELNKFMLEKVTEDTSSVLRSPMPGVVVAVSVKPGDAVAEGQEICVIEAMKMQNSMTAGKTGTVKSVHCQAGDTVGE
GDLLVELE
;
A
2 'polypeptide(L)'
;DPSDRLVPELDTIVPLESTKAYNMVDIIHSVVDEREFFEIMPNYAKNIIVGFARMNGRTVGIVGNQPKVASGCLDINSSV
KGARFVRFCDAFNIPLITFVDVPGFLPGTAQEYGGIIRHGAKLLYAFAEATVPKVTVITRKAYGGAYDVMSSKHLCGDTN
YAWPTAEIAVMGAKGAVEIIFKGHENVEAAQAEYIEKFANPFPAAVRGFVDDIIQPSSTRARICCDLDVLASKKVQRPWR
KHANIPL
;
B
3 'polypeptide(L)'
;MAAALRVAAVGARLSVLASGLRAAVRSLCSQATSVNERIENKRRTALLGGGQRRIDAQHKRGKLTARERISLLLDPGSFV
ESDMFVEHRCADFGMAADKNKFPGDSVVTGRGRINGRLVYVFSQDFTVFGGSLSGAHAQKICKIMDQAITVGAPVIGLND
SGGAQIQEGVESLAGYADIFLRNVTASGVIPQISLIMGPCAGGAVYSPALTDFTFMVKDTSYLFITGPDVVKSVTNEDVT
QEELGGAKTHTTMSGVAHRAFENDVDALCNLRDFFNYLPLSSQDPAPVRECH
;
F
#
loop_
_chem_comp.id
_chem_comp.type
_chem_comp.name
_chem_comp.formula
ATP non-polymer ADENOSINE-5'-TRIPHOSPHATE 'C10 H16 N5 O13 P3'
BTN non-polymer BIOTIN 'C10 H16 N2 O3 S'
MG non-polymer 'MAGNESIUM ION' 'Mg 2'
#
# COMPACT_ATOMS: atom_id res chain seq x y z
N TYR A 56 26.74 26.73 -16.56
CA TYR A 56 26.32 26.70 -15.16
C TYR A 56 27.01 27.79 -14.36
N ASP A 57 26.88 29.03 -14.83
CA ASP A 57 27.48 30.17 -14.17
C ASP A 57 26.40 30.96 -13.45
N PRO A 58 26.39 30.98 -12.10
CA PRO A 58 25.32 31.71 -11.39
C PRO A 58 25.47 33.22 -11.45
N ASN A 59 26.57 33.74 -11.98
CA ASN A 59 26.75 35.19 -12.05
C ASN A 59 25.70 35.83 -12.96
N GLU A 60 25.39 35.18 -14.07
CA GLU A 60 24.36 35.70 -14.98
C GLU A 60 23.02 35.79 -14.28
N LYS A 61 22.35 36.92 -14.43
CA LYS A 61 21.03 37.10 -13.84
C LYS A 61 20.01 36.22 -14.54
N THR A 62 19.16 35.58 -13.75
CA THR A 62 18.15 34.66 -14.29
C THR A 62 16.91 34.75 -13.42
N PHE A 63 15.81 34.21 -13.93
CA PHE A 63 14.54 34.23 -13.22
C PHE A 63 14.69 33.61 -11.83
N ASP A 64 14.13 34.27 -10.83
CA ASP A 64 14.28 33.80 -9.46
C ASP A 64 13.31 32.69 -9.11
N LYS A 65 12.07 32.80 -9.56
CA LYS A 65 11.04 31.81 -9.26
C LYS A 65 10.46 31.23 -10.55
N ILE A 66 10.53 29.92 -10.67
CA ILE A 66 9.98 29.19 -11.80
C ILE A 66 8.99 28.16 -11.26
N LEU A 67 7.79 28.14 -11.84
CA LEU A 67 6.76 27.17 -11.47
C LEU A 67 6.65 26.12 -12.56
N VAL A 68 6.79 24.85 -12.16
CA VAL A 68 6.76 23.73 -13.10
C VAL A 68 5.34 23.18 -13.10
N ALA A 69 4.57 23.53 -14.13
CA ALA A 69 3.19 23.08 -14.24
C ALA A 69 3.11 21.72 -14.93
N ASN A 70 3.69 20.72 -14.27
CA ASN A 70 3.75 19.37 -14.81
C ASN A 70 3.97 18.40 -13.66
N ARG A 71 3.91 17.11 -13.99
CA ARG A 71 4.08 16.04 -13.02
C ARG A 71 4.94 14.95 -13.61
N GLY A 72 5.50 14.11 -12.73
CA GLY A 72 6.24 12.96 -13.18
C GLY A 72 7.73 13.18 -13.25
N GLU A 73 8.40 12.50 -14.20
CA GLU A 73 9.85 12.61 -14.30
C GLU A 73 10.27 13.94 -14.93
N ILE A 74 9.42 14.52 -15.78
CA ILE A 74 9.77 15.79 -16.41
C ILE A 74 9.84 16.90 -15.37
N ALA A 75 8.90 16.92 -14.42
CA ALA A 75 8.94 17.91 -13.35
C ALA A 75 10.20 17.73 -12.51
N CYS A 76 10.56 16.48 -12.20
CA CYS A 76 11.78 16.24 -11.43
C CYS A 76 13.01 16.71 -12.19
N ARG A 77 13.06 16.47 -13.49
CA ARG A 77 14.20 16.90 -14.30
C ARG A 77 14.30 18.42 -14.33
N VAL A 78 13.17 19.11 -14.53
CA VAL A 78 13.18 20.57 -14.55
C VAL A 78 13.61 21.13 -13.19
N ILE A 79 13.10 20.54 -12.11
CA ILE A 79 13.47 21.00 -10.78
C ILE A 79 14.95 20.78 -10.53
N ARG A 80 15.47 19.63 -10.97
CA ARG A 80 16.88 19.34 -10.79
C ARG A 80 17.75 20.35 -11.52
N THR A 81 17.44 20.62 -12.79
CA THR A 81 18.26 21.55 -13.55
C THR A 81 18.09 22.99 -13.09
N CYS A 82 16.94 23.33 -12.49
CA CYS A 82 16.79 24.67 -11.92
C CYS A 82 17.57 24.81 -10.63
N LYS A 83 17.56 23.77 -9.80
CA LYS A 83 18.36 23.80 -8.57
C LYS A 83 19.84 23.86 -8.89
N LYS A 84 20.27 23.16 -9.94
CA LYS A 84 21.69 23.10 -10.25
C LYS A 84 22.24 24.43 -10.76
N MET A 85 21.37 25.39 -11.08
CA MET A 85 21.81 26.73 -11.43
C MET A 85 21.34 27.78 -10.44
N GLY A 86 20.75 27.39 -9.32
CA GLY A 86 20.37 28.33 -8.28
C GLY A 86 19.13 29.14 -8.59
N ILE A 87 17.99 28.46 -8.74
CA ILE A 87 16.71 29.12 -8.99
C ILE A 87 15.68 28.50 -8.05
N LYS A 88 14.90 29.35 -7.39
CA LYS A 88 13.80 28.85 -6.56
C LYS A 88 12.74 28.20 -7.43
N THR A 89 12.21 27.08 -6.95
CA THR A 89 11.29 26.25 -7.72
C THR A 89 9.97 26.09 -6.99
N VAL A 90 8.88 26.11 -7.75
CA VAL A 90 7.53 25.86 -7.24
C VAL A 90 6.92 24.74 -8.07
N ALA A 91 6.38 23.72 -7.41
CA ALA A 91 5.80 22.58 -8.08
C ALA A 91 4.33 22.48 -7.72
N ILE A 92 3.49 22.32 -8.72
CA ILE A 92 2.07 22.11 -8.52
C ILE A 92 1.78 20.61 -8.49
N HIS A 93 0.70 20.24 -7.81
CA HIS A 93 0.36 18.84 -7.66
C HIS A 93 -1.12 18.71 -7.32
N SER A 94 -1.64 17.50 -7.48
CA SER A 94 -3.01 17.21 -7.08
C SER A 94 -3.02 16.64 -5.67
N ASP A 95 -4.22 16.24 -5.21
CA ASP A 95 -4.33 15.67 -3.87
C ASP A 95 -3.61 14.32 -3.78
N VAL A 96 -3.70 13.51 -4.83
CA VAL A 96 -3.05 12.20 -4.82
C VAL A 96 -1.53 12.36 -4.80
N ASP A 97 -1.00 13.21 -5.67
CA ASP A 97 0.45 13.42 -5.74
C ASP A 97 0.92 14.44 -4.71
N ALA A 98 0.51 14.24 -3.45
CA ALA A 98 0.92 15.12 -2.37
C ALA A 98 2.25 14.70 -1.75
N SER A 99 2.74 13.50 -2.07
CA SER A 99 4.01 13.01 -1.54
C SER A 99 4.91 12.46 -2.63
N SER A 100 4.72 12.91 -3.87
CA SER A 100 5.54 12.43 -4.97
C SER A 100 6.95 13.01 -4.87
N VAL A 101 7.81 12.59 -5.80
CA VAL A 101 9.21 13.00 -5.75
C VAL A 101 9.35 14.48 -6.08
N HIS A 102 8.65 14.96 -7.11
CA HIS A 102 8.83 16.34 -7.53
C HIS A 102 8.31 17.32 -6.49
N VAL A 103 7.26 16.93 -5.76
CA VAL A 103 6.76 17.79 -4.68
C VAL A 103 7.79 17.93 -3.58
N LYS A 104 8.52 16.87 -3.28
CA LYS A 104 9.55 16.92 -2.24
C LYS A 104 10.83 17.60 -2.71
N MET A 105 11.11 17.54 -4.01
CA MET A 105 12.32 18.19 -4.53
C MET A 105 12.16 19.70 -4.60
N ALA A 106 10.92 20.19 -4.78
CA ALA A 106 10.69 21.61 -4.91
C ALA A 106 10.85 22.32 -3.57
N ASP A 107 11.06 23.64 -3.63
CA ASP A 107 11.17 24.43 -2.41
C ASP A 107 9.81 24.63 -1.76
N GLU A 108 8.76 24.83 -2.56
CA GLU A 108 7.42 24.95 -2.04
C GLU A 108 6.44 24.41 -3.07
N ALA A 109 5.26 24.02 -2.60
CA ALA A 109 4.26 23.40 -3.44
C ALA A 109 2.87 23.82 -3.00
N VAL A 110 1.92 23.74 -3.92
CA VAL A 110 0.53 24.07 -3.66
C VAL A 110 -0.36 23.04 -4.33
N CYS A 111 -1.36 22.55 -3.60
CA CYS A 111 -2.36 21.67 -4.20
C CYS A 111 -3.23 22.44 -5.17
N VAL A 112 -3.65 21.77 -6.24
CA VAL A 112 -4.28 22.48 -7.35
C VAL A 112 -5.65 21.87 -7.62
N GLY A 113 -5.95 20.73 -7.00
CA GLY A 113 -7.26 20.15 -7.14
C GLY A 113 -7.31 18.65 -6.94
N PRO A 114 -8.37 18.02 -7.44
CA PRO A 114 -8.57 16.58 -7.18
C PRO A 114 -7.69 15.69 -8.02
N ALA A 115 -7.92 14.38 -7.93
CA ALA A 115 -7.09 13.42 -8.65
C ALA A 115 -7.11 13.58 -10.16
N PRO A 116 -8.26 13.71 -10.84
CA PRO A 116 -8.24 13.72 -12.30
C PRO A 116 -7.42 14.87 -12.87
N THR A 117 -6.75 14.58 -13.99
CA THR A 117 -5.93 15.60 -14.64
C THR A 117 -6.78 16.69 -15.29
N SER A 118 -8.03 16.38 -15.63
CA SER A 118 -8.91 17.38 -16.22
C SER A 118 -9.28 18.47 -15.23
N LYS A 119 -9.09 18.23 -13.93
CA LYS A 119 -9.42 19.22 -12.91
C LYS A 119 -8.22 19.58 -12.05
N SER A 120 -7.06 18.98 -12.26
CA SER A 120 -5.87 19.27 -11.47
C SER A 120 -4.76 19.91 -12.30
N TYR A 121 -4.31 19.25 -13.36
CA TYR A 121 -3.23 19.78 -14.19
C TYR A 121 -3.72 20.49 -15.43
N LEU A 122 -5.03 20.62 -15.60
CA LEU A 122 -5.62 21.40 -16.68
C LEU A 122 -6.55 22.49 -16.17
N ASN A 123 -6.53 22.77 -14.86
CA ASN A 123 -7.41 23.77 -14.26
C ASN A 123 -6.77 25.15 -14.40
N MET A 124 -7.02 25.76 -15.57
CA MET A 124 -6.39 27.02 -15.96
C MET A 124 -6.30 28.01 -14.80
N ASP A 125 -7.46 28.34 -14.21
CA ASP A 125 -7.48 29.29 -13.12
C ASP A 125 -6.59 28.83 -11.97
N ALA A 126 -6.79 27.59 -11.51
CA ALA A 126 -6.06 27.11 -10.35
C ALA A 126 -4.55 27.33 -10.50
N ILE A 127 -4.00 27.02 -11.67
CA ILE A 127 -2.59 27.32 -11.92
C ILE A 127 -2.34 28.82 -11.91
N MET A 128 -3.26 29.63 -12.44
CA MET A 128 -3.03 31.07 -12.46
C MET A 128 -2.93 31.65 -11.05
N GLU A 129 -3.91 31.35 -10.19
CA GLU A 129 -3.79 31.81 -8.80
C GLU A 129 -2.65 31.14 -8.06
N ALA A 130 -2.26 29.92 -8.46
CA ALA A 130 -1.08 29.29 -7.85
C ALA A 130 0.16 30.12 -8.13
N ILE A 131 0.30 30.60 -9.37
CA ILE A 131 1.36 31.54 -9.70
C ILE A 131 1.18 32.83 -8.91
N LYS A 132 -0.07 33.26 -8.73
CA LYS A 132 -0.34 34.53 -8.07
C LYS A 132 0.17 34.54 -6.64
N LYS A 133 -0.13 33.49 -5.86
CA LYS A 133 0.33 33.47 -4.47
C LYS A 133 1.85 33.43 -4.38
N THR A 134 2.48 32.62 -5.21
CA THR A 134 3.92 32.40 -5.10
C THR A 134 4.74 33.40 -5.90
N ARG A 135 4.08 34.38 -6.55
CA ARG A 135 4.74 35.42 -7.36
C ARG A 135 5.82 34.84 -8.26
N ALA A 136 5.52 33.70 -8.89
CA ALA A 136 6.47 33.05 -9.77
C ALA A 136 6.77 33.93 -10.97
N GLN A 137 8.06 34.04 -11.31
CA GLN A 137 8.48 34.86 -12.44
C GLN A 137 8.40 34.14 -13.78
N ALA A 138 8.48 32.82 -13.79
CA ALA A 138 8.41 32.06 -15.04
C ALA A 138 7.62 30.78 -14.82
N VAL A 139 7.11 30.23 -15.91
CA VAL A 139 6.36 28.98 -15.88
C VAL A 139 6.96 28.03 -16.90
N HIS A 140 7.11 26.77 -16.52
CA HIS A 140 7.67 25.73 -17.39
C HIS A 140 6.68 24.59 -17.52
N PRO A 141 6.13 24.33 -18.71
CA PRO A 141 5.09 23.30 -18.84
C PRO A 141 5.61 21.90 -19.12
N GLY A 142 6.91 21.71 -19.34
CA GLY A 142 7.40 20.39 -19.72
C GLY A 142 6.82 19.99 -21.06
N TYR A 143 6.29 18.77 -21.14
CA TYR A 143 5.62 18.28 -22.32
C TYR A 143 4.24 17.76 -21.94
N GLY A 144 3.33 17.81 -22.91
CA GLY A 144 1.95 17.42 -22.65
C GLY A 144 1.23 18.44 -21.81
N PHE A 145 0.03 18.05 -21.36
CA PHE A 145 -0.81 18.90 -20.51
C PHE A 145 -1.08 20.25 -21.17
N LEU A 146 -0.43 21.30 -20.66
CA LEU A 146 -0.62 22.66 -21.17
C LEU A 146 0.59 23.16 -21.95
N SER A 147 1.43 22.25 -22.45
CA SER A 147 2.62 22.67 -23.18
C SER A 147 2.27 23.36 -24.49
N GLU A 148 1.23 22.87 -25.17
CA GLU A 148 0.86 23.41 -26.47
C GLU A 148 -0.56 23.97 -26.45
N ASN A 149 -0.89 24.74 -25.41
CA ASN A 149 -2.20 25.37 -25.29
C ASN A 149 -2.05 26.86 -25.55
N LYS A 150 -2.79 27.38 -26.53
CA LYS A 150 -2.68 28.79 -26.89
C LYS A 150 -3.32 29.69 -25.83
N GLU A 151 -4.43 29.25 -25.23
CA GLU A 151 -5.06 30.05 -24.19
C GLU A 151 -4.15 30.19 -22.98
N PHE A 152 -3.41 29.12 -22.64
CA PHE A 152 -2.45 29.22 -21.55
C PHE A 152 -1.38 30.26 -21.85
N ALA A 153 -0.85 30.24 -23.07
CA ALA A 153 0.18 31.21 -23.44
C ALA A 153 -0.36 32.64 -23.38
N ARG A 154 -1.57 32.85 -23.89
CA ARG A 154 -2.16 34.18 -23.84
C ARG A 154 -2.42 34.65 -22.42
N CYS A 155 -2.96 33.76 -21.57
CA CYS A 155 -3.25 34.14 -20.20
C CYS A 155 -1.98 34.44 -19.42
N LEU A 156 -0.92 33.66 -19.66
CA LEU A 156 0.37 33.95 -19.03
C LEU A 156 0.93 35.27 -19.53
N ALA A 157 0.80 35.55 -20.83
CA ALA A 157 1.27 36.81 -21.38
C ALA A 157 0.44 37.99 -20.89
N ALA A 158 -0.77 37.75 -20.38
CA ALA A 158 -1.55 38.84 -19.82
C ALA A 158 -0.84 39.48 -18.63
N GLU A 159 -0.21 38.66 -17.79
CA GLU A 159 0.59 39.17 -16.69
C GLU A 159 2.04 39.33 -17.13
N ASP A 160 2.88 39.83 -16.23
CA ASP A 160 4.30 40.00 -16.52
C ASP A 160 5.07 38.69 -16.50
N VAL A 161 4.48 37.62 -15.97
CA VAL A 161 5.15 36.32 -15.95
C VAL A 161 5.29 35.79 -17.37
N VAL A 162 6.47 35.24 -17.67
CA VAL A 162 6.83 34.83 -19.03
C VAL A 162 6.69 33.32 -19.14
N PHE A 163 6.19 32.87 -20.30
CA PHE A 163 6.01 31.45 -20.57
C PHE A 163 7.28 30.89 -21.19
N ILE A 164 7.91 29.93 -20.51
CA ILE A 164 9.13 29.31 -21.01
C ILE A 164 8.73 28.31 -22.10
N GLY A 165 8.85 28.73 -23.35
CA GLY A 165 8.48 27.89 -24.46
C GLY A 165 8.41 28.70 -25.74
N PRO A 166 8.00 28.06 -26.83
CA PRO A 166 7.88 28.77 -28.10
C PRO A 166 6.79 29.82 -28.06
N ASP A 167 6.94 30.83 -28.91
CA ASP A 167 5.92 31.87 -29.00
C ASP A 167 4.60 31.28 -29.47
N THR A 168 3.50 31.96 -29.13
CA THR A 168 2.18 31.45 -29.44
C THR A 168 2.00 31.24 -30.94
N HIS A 169 2.37 32.25 -31.73
CA HIS A 169 2.15 32.19 -33.18
C HIS A 169 2.68 30.90 -33.77
N ALA A 170 3.87 30.48 -33.37
CA ALA A 170 4.40 29.18 -33.79
C ALA A 170 3.50 28.05 -33.29
N ILE A 171 2.91 28.21 -32.11
CA ILE A 171 2.10 27.14 -31.54
C ILE A 171 0.85 26.90 -32.39
N GLN A 172 0.11 27.96 -32.73
CA GLN A 172 -1.02 27.66 -33.60
C GLN A 172 -0.61 27.48 -35.06
N ALA A 173 0.62 27.83 -35.44
CA ALA A 173 1.08 27.53 -36.78
C ALA A 173 1.32 26.04 -36.95
N MET A 174 2.01 25.42 -36.00
CA MET A 174 2.34 24.00 -36.08
C MET A 174 1.33 23.10 -35.38
N GLY A 175 0.31 23.67 -34.74
CA GLY A 175 -0.68 22.82 -34.08
C GLY A 175 -1.51 22.01 -35.06
N ASP A 176 -1.94 22.62 -36.16
CA ASP A 176 -2.75 21.97 -37.16
C ASP A 176 -1.87 21.40 -38.28
N LYS A 177 -2.22 20.21 -38.75
CA LYS A 177 -1.37 19.48 -39.68
C LYS A 177 -1.40 20.06 -41.09
N ILE A 178 -2.59 20.45 -41.57
CA ILE A 178 -2.71 20.93 -42.95
C ILE A 178 -1.92 22.22 -43.14
N GLU A 179 -2.08 23.16 -42.23
CA GLU A 179 -1.37 24.43 -42.33
C GLU A 179 0.13 24.23 -42.13
N SER A 180 0.52 23.31 -41.26
CA SER A 180 1.94 23.00 -41.09
C SER A 180 2.52 22.44 -42.38
N LYS A 181 1.80 21.55 -43.05
CA LYS A 181 2.29 20.99 -44.31
C LYS A 181 2.36 22.07 -45.38
N LEU A 182 1.37 22.96 -45.44
CA LEU A 182 1.39 24.04 -46.42
C LEU A 182 2.58 24.96 -46.18
N LEU A 183 2.83 25.31 -44.92
CA LEU A 183 3.97 26.17 -44.60
C LEU A 183 5.29 25.48 -44.94
N ALA A 184 5.39 24.18 -44.65
CA ALA A 184 6.60 23.44 -44.98
C ALA A 184 6.83 23.41 -46.48
N LYS A 185 5.78 23.19 -47.26
CA LYS A 185 5.91 23.25 -48.71
C LYS A 185 6.33 24.64 -49.16
N LYS A 186 5.81 25.68 -48.52
CA LYS A 186 6.32 27.03 -48.75
C LYS A 186 7.72 27.23 -48.20
N ALA A 187 8.13 26.42 -47.23
CA ALA A 187 9.46 26.52 -46.62
C ALA A 187 10.49 25.67 -47.36
N GLU A 188 10.23 25.33 -48.63
CA GLU A 188 11.14 24.59 -49.51
C GLU A 188 11.82 23.43 -48.78
N VAL A 189 11.01 22.60 -48.12
CA VAL A 189 11.47 21.36 -47.52
C VAL A 189 10.62 20.22 -48.05
N ASN A 190 11.20 19.03 -48.09
CA ASN A 190 10.52 17.88 -48.66
C ASN A 190 9.31 17.49 -47.83
N THR A 191 8.23 17.10 -48.50
CA THR A 191 7.00 16.67 -47.85
C THR A 191 6.51 15.39 -48.50
N ILE A 192 5.72 14.63 -47.75
CA ILE A 192 5.15 13.38 -48.28
C ILE A 192 4.20 13.71 -49.43
N PRO A 193 4.24 12.97 -50.53
CA PRO A 193 3.30 13.23 -51.63
C PRO A 193 1.87 13.05 -51.17
N GLY A 194 0.98 13.90 -51.68
CA GLY A 194 -0.42 13.83 -51.31
C GLY A 194 -1.18 15.00 -51.89
N PHE A 195 -2.42 15.15 -51.44
CA PHE A 195 -3.32 16.19 -51.90
C PHE A 195 -3.54 17.19 -50.77
N ASP A 196 -3.23 18.46 -51.02
CA ASP A 196 -3.47 19.49 -50.03
C ASP A 196 -4.95 19.79 -49.91
N GLY A 197 -5.39 20.10 -48.70
CA GLY A 197 -6.79 20.36 -48.42
C GLY A 197 -7.46 19.21 -47.70
N VAL A 198 -8.71 19.46 -47.31
CA VAL A 198 -9.51 18.50 -46.55
C VAL A 198 -10.47 17.80 -47.49
N VAL A 199 -10.44 16.47 -47.51
CA VAL A 199 -11.34 15.68 -48.34
C VAL A 199 -12.66 15.51 -47.58
N LYS A 200 -13.77 15.77 -48.27
CA LYS A 200 -15.08 15.76 -47.66
C LYS A 200 -15.83 14.45 -47.86
N ASP A 201 -15.65 13.79 -49.01
CA ASP A 201 -16.41 12.59 -49.34
C ASP A 201 -15.47 11.45 -49.70
N ALA A 202 -15.97 10.22 -49.54
CA ALA A 202 -15.18 9.04 -49.86
C ALA A 202 -14.87 8.96 -51.36
N GLU A 203 -15.79 9.44 -52.20
CA GLU A 203 -15.51 9.48 -53.63
C GLU A 203 -14.34 10.40 -53.94
N GLU A 204 -14.27 11.54 -53.26
CA GLU A 204 -13.10 12.41 -53.38
C GLU A 204 -11.84 11.69 -52.91
N ALA A 205 -11.95 10.90 -51.85
CA ALA A 205 -10.80 10.17 -51.34
C ALA A 205 -10.28 9.17 -52.37
N VAL A 206 -11.19 8.43 -53.01
CA VAL A 206 -10.74 7.46 -54.01
C VAL A 206 -10.21 8.17 -55.25
N ARG A 207 -10.79 9.32 -55.62
CA ARG A 207 -10.23 10.08 -56.74
C ARG A 207 -8.82 10.55 -56.44
N ILE A 208 -8.58 10.99 -55.21
CA ILE A 208 -7.21 11.38 -54.82
C ILE A 208 -6.30 10.17 -54.86
N ALA A 209 -6.76 9.03 -54.33
CA ALA A 209 -5.96 7.81 -54.36
C ALA A 209 -5.65 7.34 -55.77
N ARG A 210 -6.45 7.76 -56.75
CA ARG A 210 -6.16 7.40 -58.13
C ARG A 210 -4.79 7.88 -58.56
N GLU A 211 -4.40 9.10 -58.19
CA GLU A 211 -3.13 9.64 -58.62
C GLU A 211 -2.06 9.65 -57.54
N ILE A 212 -2.43 9.61 -56.26
CA ILE A 212 -1.40 9.67 -55.22
C ILE A 212 -0.87 8.28 -54.92
N GLY A 213 -1.26 7.30 -55.73
CA GLY A 213 -0.74 5.95 -55.59
C GLY A 213 -1.72 5.02 -54.91
N TYR A 214 -1.52 3.73 -55.13
CA TYR A 214 -2.40 2.72 -54.53
C TYR A 214 -2.36 2.72 -53.01
N PRO A 215 -1.19 2.76 -52.33
CA PRO A 215 -1.22 2.87 -50.87
C PRO A 215 -1.86 4.18 -50.43
N VAL A 216 -2.63 4.11 -49.35
CA VAL A 216 -3.35 5.26 -48.83
C VAL A 216 -3.14 5.32 -47.32
N MET A 217 -2.82 6.50 -46.81
CA MET A 217 -2.72 6.73 -45.37
C MET A 217 -3.72 7.80 -44.98
N ILE A 218 -4.66 7.44 -44.12
CA ILE A 218 -5.67 8.36 -43.61
C ILE A 218 -5.25 8.81 -42.22
N LYS A 219 -5.30 10.11 -41.99
CA LYS A 219 -4.86 10.69 -40.72
C LYS A 219 -5.83 11.77 -40.29
N ALA A 220 -6.30 11.68 -39.04
CA ALA A 220 -7.17 12.71 -38.50
C ALA A 220 -6.38 14.00 -38.29
N SER A 221 -6.94 15.12 -38.73
CA SER A 221 -6.27 16.40 -38.57
C SER A 221 -6.15 16.77 -37.10
N ALA A 222 -5.07 17.48 -36.77
CA ALA A 222 -4.74 17.87 -35.40
C ALA A 222 -4.67 16.61 -34.54
N GLY A 223 -5.10 16.69 -33.29
CA GLY A 223 -5.03 15.53 -32.41
C GLY A 223 -3.59 15.10 -32.18
N GLY A 224 -3.35 13.80 -32.30
CA GLY A 224 -2.04 13.22 -32.12
C GLY A 224 -2.11 12.03 -31.20
N GLY A 225 -0.94 11.64 -30.68
CA GLY A 225 -0.89 10.51 -29.77
C GLY A 225 -1.13 9.17 -30.42
N GLY A 226 -0.90 9.06 -31.72
CA GLY A 226 -1.14 7.81 -32.42
C GLY A 226 -2.60 7.41 -32.50
N LYS A 227 -3.47 8.37 -32.78
CA LYS A 227 -4.90 8.12 -32.91
C LYS A 227 -5.40 8.65 -34.24
N GLY A 228 -6.43 8.00 -34.77
CA GLY A 228 -7.00 8.40 -36.04
C GLY A 228 -6.06 8.27 -37.22
N MET A 229 -5.18 7.28 -37.21
CA MET A 229 -4.26 7.02 -38.31
C MET A 229 -4.46 5.58 -38.77
N ARG A 230 -4.79 5.41 -40.05
CA ARG A 230 -5.12 4.08 -40.57
C ARG A 230 -4.57 3.92 -41.98
N ILE A 231 -4.47 2.67 -42.39
CA ILE A 231 -3.95 2.28 -43.70
C ILE A 231 -5.11 1.81 -44.57
N ALA A 232 -5.11 2.24 -45.83
CA ALA A 232 -6.11 1.82 -46.80
C ALA A 232 -5.38 1.33 -48.05
N TRP A 233 -5.80 0.16 -48.54
CA TRP A 233 -5.19 -0.46 -49.71
C TRP A 233 -6.06 -0.33 -50.96
N ASP A 234 -7.29 -0.81 -50.90
CA ASP A 234 -8.18 -0.84 -52.05
C ASP A 234 -9.10 0.38 -52.05
N ASP A 235 -9.83 0.54 -53.16
CA ASP A 235 -10.82 1.61 -53.25
C ASP A 235 -11.91 1.44 -52.22
N GLU A 236 -12.41 0.22 -52.05
CA GLU A 236 -13.37 -0.05 -50.98
C GLU A 236 -12.74 0.19 -49.62
N GLU A 237 -11.49 -0.25 -49.44
CA GLU A 237 -10.78 0.05 -48.21
C GLU A 237 -10.64 1.55 -48.02
N THR A 238 -10.31 2.29 -49.10
CA THR A 238 -10.19 3.72 -48.99
C THR A 238 -11.48 4.36 -48.51
N ARG A 239 -12.61 4.02 -49.15
CA ARG A 239 -13.86 4.68 -48.82
C ARG A 239 -14.34 4.29 -47.42
N ASP A 240 -14.26 3.01 -47.06
CA ASP A 240 -14.77 2.62 -45.74
C ASP A 240 -13.87 3.14 -44.63
N GLY A 241 -12.56 3.16 -44.84
CA GLY A 241 -11.67 3.77 -43.87
C GLY A 241 -11.92 5.26 -43.71
N PHE A 242 -12.15 5.96 -44.82
CA PHE A 242 -12.47 7.39 -44.75
C PHE A 242 -13.75 7.61 -43.96
N ARG A 243 -14.79 6.80 -44.24
CA ARG A 243 -16.05 6.96 -43.54
C ARG A 243 -15.90 6.70 -42.04
N LEU A 244 -15.19 5.63 -41.68
CA LEU A 244 -15.06 5.30 -40.27
C LEU A 244 -14.18 6.32 -39.55
N SER A 245 -13.14 6.83 -40.21
CA SER A 245 -12.32 7.88 -39.61
C SER A 245 -13.11 9.16 -39.42
N SER A 246 -13.95 9.51 -40.40
CA SER A 246 -14.82 10.67 -40.23
C SER A 246 -15.77 10.49 -39.06
N GLN A 247 -16.32 9.28 -38.91
CA GLN A 247 -17.18 9.00 -37.77
C GLN A 247 -16.42 9.12 -36.45
N GLU A 248 -15.20 8.61 -36.40
CA GLU A 248 -14.43 8.58 -35.16
C GLU A 248 -13.77 9.92 -34.83
N ALA A 249 -13.69 10.83 -35.79
CA ALA A 249 -13.04 12.12 -35.54
C ALA A 249 -13.76 12.91 -34.47
N ALA A 250 -15.09 12.92 -34.51
CA ALA A 250 -15.86 13.63 -33.49
C ALA A 250 -15.64 13.04 -32.11
N SER A 251 -15.63 11.71 -32.02
CA SER A 251 -15.43 11.05 -30.73
C SER A 251 -14.02 11.31 -30.20
N SER A 252 -13.01 11.29 -31.06
CA SER A 252 -11.63 11.41 -30.61
C SER A 252 -11.25 12.86 -30.37
N PHE A 253 -11.30 13.68 -31.41
CA PHE A 253 -10.86 15.08 -31.33
C PHE A 253 -11.97 16.08 -31.55
N GLY A 254 -12.94 15.76 -32.41
CA GLY A 254 -13.99 16.70 -32.75
C GLY A 254 -13.66 17.66 -33.85
N ASP A 255 -12.43 17.62 -34.39
CA ASP A 255 -12.07 18.50 -35.49
C ASP A 255 -12.78 18.11 -36.78
N ASP A 256 -13.03 16.81 -36.98
CA ASP A 256 -13.78 16.30 -38.13
C ASP A 256 -13.12 16.68 -39.46
N ARG A 257 -11.79 16.71 -39.48
CA ARG A 257 -11.03 16.95 -40.71
C ARG A 257 -10.03 15.81 -40.89
N LEU A 258 -9.89 15.35 -42.13
CA LEU A 258 -9.06 14.21 -42.46
C LEU A 258 -8.07 14.57 -43.55
N LEU A 259 -6.96 13.85 -43.58
CA LEU A 259 -5.93 14.02 -44.60
C LEU A 259 -5.57 12.66 -45.17
N ILE A 260 -5.36 12.62 -46.49
CA ILE A 260 -4.98 11.41 -47.21
C ILE A 260 -3.60 11.64 -47.83
N GLU A 261 -2.67 10.73 -47.55
CA GLU A 261 -1.30 10.88 -48.00
C GLU A 261 -0.80 9.53 -48.52
N LYS A 262 0.41 9.58 -49.09
CA LYS A 262 1.07 8.37 -49.56
C LYS A 262 1.81 7.71 -48.40
N PHE A 263 1.50 6.43 -48.15
CA PHE A 263 2.10 5.69 -47.06
C PHE A 263 3.47 5.19 -47.48
N ILE A 264 4.51 5.57 -46.73
CA ILE A 264 5.86 5.12 -47.01
C ILE A 264 6.04 3.73 -46.41
N ASP A 265 6.50 2.78 -47.23
CA ASP A 265 6.71 1.42 -46.80
C ASP A 265 8.08 1.28 -46.15
N ASN A 266 8.10 0.60 -45.00
CA ASN A 266 9.31 0.43 -44.19
C ASN A 266 10.04 1.75 -43.96
N PRO A 267 9.41 2.70 -43.27
CA PRO A 267 10.06 4.00 -43.03
C PRO A 267 10.86 4.00 -41.73
N ARG A 268 11.76 4.97 -41.65
CA ARG A 268 12.54 5.22 -40.45
C ARG A 268 12.17 6.59 -39.91
N HIS A 269 11.72 6.64 -38.67
CA HIS A 269 11.26 7.88 -38.04
C HIS A 269 12.46 8.57 -37.41
N ILE A 270 13.11 9.42 -38.19
CA ILE A 270 14.27 10.17 -37.72
C ILE A 270 13.78 11.48 -37.13
N GLU A 271 14.54 12.02 -36.19
CA GLU A 271 14.15 13.23 -35.49
C GLU A 271 15.32 14.19 -35.39
N ILE A 272 15.05 15.47 -35.56
CA ILE A 272 16.05 16.53 -35.49
C ILE A 272 15.67 17.48 -34.36
N GLN A 273 16.61 17.71 -33.45
CA GLN A 273 16.40 18.66 -32.38
C GLN A 273 16.92 20.02 -32.82
N VAL A 274 16.09 21.05 -32.65
CA VAL A 274 16.42 22.41 -33.05
C VAL A 274 16.31 23.32 -31.84
N LEU A 275 17.26 24.23 -31.70
CA LEU A 275 17.28 25.21 -30.62
C LEU A 275 17.40 26.60 -31.20
N GLY A 276 16.47 27.47 -30.84
CA GLY A 276 16.46 28.82 -31.37
C GLY A 276 16.20 29.84 -30.27
N ASP A 277 16.76 31.02 -30.46
CA ASP A 277 16.57 32.13 -29.55
C ASP A 277 15.71 33.20 -30.22
N LYS A 278 15.53 34.33 -29.53
CA LYS A 278 14.73 35.43 -30.05
C LYS A 278 15.53 36.36 -30.95
N HIS A 279 16.81 36.09 -31.17
CA HIS A 279 17.65 36.91 -32.03
C HIS A 279 17.81 36.34 -33.43
N GLY A 280 17.01 35.32 -33.78
CA GLY A 280 17.07 34.74 -35.10
C GLY A 280 18.15 33.71 -35.32
N ASN A 281 18.80 33.23 -34.26
CA ASN A 281 19.84 32.22 -34.37
C ASN A 281 19.21 30.85 -34.13
N ALA A 282 19.37 29.95 -35.09
CA ALA A 282 18.82 28.60 -35.02
C ALA A 282 19.95 27.60 -35.19
N LEU A 283 19.93 26.55 -34.36
CA LEU A 283 20.94 25.50 -34.40
C LEU A 283 20.24 24.14 -34.44
N TRP A 284 20.85 23.20 -35.15
CA TRP A 284 20.39 21.82 -35.16
C TRP A 284 21.41 20.96 -34.42
N LEU A 285 20.93 20.17 -33.47
CA LEU A 285 21.79 19.37 -32.61
C LEU A 285 21.67 17.91 -33.03
N ASN A 286 22.48 17.53 -34.02
CA ASN A 286 22.61 16.13 -34.48
C ASN A 286 21.22 15.62 -34.87
N GLU A 287 20.91 14.36 -34.59
CA GLU A 287 19.62 13.78 -34.95
C GLU A 287 19.21 12.79 -33.86
N ARG A 288 18.07 12.16 -34.06
CA ARG A 288 17.61 11.06 -33.22
C ARG A 288 16.82 10.09 -34.08
N GLU A 289 16.93 8.81 -33.76
CA GLU A 289 16.20 7.76 -34.45
C GLU A 289 15.17 7.16 -33.50
N CYS A 290 13.91 7.15 -33.92
CA CYS A 290 12.81 6.68 -33.08
C CYS A 290 11.99 5.70 -33.91
N SER A 291 12.42 4.45 -33.94
CA SER A 291 11.82 3.46 -34.84
C SER A 291 10.99 2.41 -34.13
N ILE A 292 11.46 1.88 -33.00
CA ILE A 292 10.74 0.83 -32.30
C ILE A 292 9.50 1.45 -31.67
N GLN A 293 8.33 1.13 -32.22
CA GLN A 293 7.07 1.71 -31.75
C GLN A 293 5.98 0.65 -31.74
N ARG A 294 5.14 0.71 -30.72
CA ARG A 294 3.88 -0.03 -30.70
C ARG A 294 2.76 0.96 -30.39
N ARG A 295 1.62 0.77 -31.05
CA ARG A 295 0.50 1.72 -30.98
C ARG A 295 0.97 3.13 -31.36
N ASN A 296 1.92 3.19 -32.30
CA ASN A 296 2.47 4.45 -32.79
C ASN A 296 3.05 5.30 -31.65
N GLN A 297 3.72 4.64 -30.71
CA GLN A 297 4.35 5.32 -29.58
C GLN A 297 5.79 4.82 -29.44
N LYS A 298 6.73 5.76 -29.32
CA LYS A 298 8.14 5.41 -29.25
C LYS A 298 8.45 4.65 -27.95
N VAL A 299 9.37 3.70 -28.04
CA VAL A 299 9.76 2.89 -26.89
C VAL A 299 11.27 2.94 -26.69
N VAL A 300 12.01 2.61 -27.74
CA VAL A 300 13.48 2.58 -27.71
C VAL A 300 14.00 3.58 -28.72
N GLU A 301 14.85 4.51 -28.27
CA GLU A 301 15.42 5.51 -29.15
C GLU A 301 16.94 5.51 -29.02
N GLU A 302 17.61 5.93 -30.09
CA GLU A 302 19.06 6.04 -30.15
C GLU A 302 19.41 7.47 -30.49
N ALA A 303 20.46 8.00 -29.87
CA ALA A 303 20.81 9.39 -30.15
C ALA A 303 21.38 9.52 -31.56
N PRO A 304 22.54 8.93 -31.89
CA PRO A 304 23.01 9.03 -33.28
C PRO A 304 22.31 7.99 -34.14
N SER A 305 21.96 8.37 -35.36
CA SER A 305 21.30 7.45 -36.27
C SER A 305 22.35 6.68 -37.06
N ILE A 306 22.37 5.36 -36.88
CA ILE A 306 23.33 4.52 -37.59
C ILE A 306 23.07 4.46 -39.08
N PHE A 307 21.85 4.77 -39.52
CA PHE A 307 21.54 4.77 -40.94
C PHE A 307 22.15 5.99 -41.63
N LEU A 308 22.14 7.15 -40.98
CA LEU A 308 22.51 8.41 -41.60
C LEU A 308 24.02 8.53 -41.77
N ASP A 309 24.41 9.41 -42.68
CA ASP A 309 25.80 9.79 -42.91
C ASP A 309 25.93 11.31 -42.72
N ALA A 310 27.16 11.80 -42.82
CA ALA A 310 27.42 13.21 -42.54
C ALA A 310 26.68 14.12 -43.51
N GLU A 311 26.68 13.78 -44.80
CA GLU A 311 26.09 14.66 -45.80
C GLU A 311 24.58 14.78 -45.61
N THR A 312 23.89 13.64 -45.50
CA THR A 312 22.43 13.69 -45.36
C THR A 312 22.03 14.25 -44.01
N ARG A 313 22.83 14.00 -42.97
CA ARG A 313 22.58 14.62 -41.67
C ARG A 313 22.66 16.14 -41.77
N ARG A 314 23.68 16.64 -42.47
CA ARG A 314 23.79 18.09 -42.67
C ARG A 314 22.62 18.63 -43.46
N ALA A 315 22.20 17.91 -44.50
CA ALA A 315 21.06 18.36 -45.30
C ALA A 315 19.79 18.44 -44.45
N MET A 316 19.53 17.41 -43.64
CA MET A 316 18.34 17.41 -42.80
C MET A 316 18.41 18.51 -41.75
N GLY A 317 19.59 18.73 -41.15
CA GLY A 317 19.73 19.79 -40.17
C GLY A 317 19.50 21.16 -40.79
N GLU A 318 20.04 21.39 -41.98
CA GLU A 318 19.82 22.66 -42.66
C GLU A 318 18.35 22.86 -42.99
N GLN A 319 17.68 21.81 -43.46
CA GLN A 319 16.26 21.92 -43.78
C GLN A 319 15.44 22.22 -42.53
N ALA A 320 15.77 21.56 -41.41
CA ALA A 320 15.05 21.82 -40.17
C ALA A 320 15.27 23.23 -39.68
N VAL A 321 16.51 23.73 -39.78
CA VAL A 321 16.80 25.09 -39.36
C VAL A 321 16.06 26.09 -40.24
N ALA A 322 16.01 25.83 -41.55
CA ALA A 322 15.26 26.71 -42.43
C ALA A 322 13.77 26.72 -42.10
N LEU A 323 13.21 25.54 -41.81
CA LEU A 323 11.80 25.49 -41.42
C LEU A 323 11.55 26.24 -40.12
N ALA A 324 12.47 26.10 -39.16
CA ALA A 324 12.32 26.82 -37.89
C ALA A 324 12.38 28.32 -38.11
N ARG A 325 13.29 28.78 -38.97
CA ARG A 325 13.38 30.20 -39.28
C ARG A 325 12.10 30.69 -39.97
N ALA A 326 11.52 29.86 -40.83
CA ALA A 326 10.28 30.24 -41.50
C ALA A 326 9.12 30.43 -40.53
N VAL A 327 9.21 29.84 -39.33
CA VAL A 327 8.17 30.02 -38.32
C VAL A 327 8.62 30.95 -37.20
N LYS A 328 9.90 31.33 -37.16
CA LYS A 328 10.46 32.16 -36.11
C LYS A 328 10.31 31.48 -34.74
N TYR A 329 10.91 30.29 -34.65
CA TYR A 329 10.91 29.54 -33.41
C TYR A 329 11.94 30.10 -32.44
N SER A 330 11.57 30.20 -31.17
CA SER A 330 12.43 30.83 -30.16
C SER A 330 12.61 29.95 -28.94
N SER A 331 12.58 28.64 -29.12
CA SER A 331 12.82 27.71 -28.02
C SER A 331 13.38 26.41 -28.61
N ALA A 332 13.34 25.33 -27.83
CA ALA A 332 13.73 24.02 -28.30
C ALA A 332 12.52 23.29 -28.88
N GLY A 333 12.70 22.70 -30.06
CA GLY A 333 11.66 21.95 -30.71
C GLY A 333 12.25 20.78 -31.47
N THR A 334 11.38 19.98 -32.07
CA THR A 334 11.80 18.81 -32.82
C THR A 334 11.09 18.77 -34.17
N VAL A 335 11.81 18.34 -35.19
CA VAL A 335 11.27 18.14 -36.53
C VAL A 335 11.43 16.66 -36.88
N GLU A 336 10.32 16.00 -37.20
CA GLU A 336 10.33 14.56 -37.44
C GLU A 336 10.24 14.28 -38.93
N PHE A 337 11.12 13.42 -39.42
CA PHE A 337 11.17 13.04 -40.82
C PHE A 337 10.97 11.53 -40.95
N LEU A 338 10.43 11.12 -42.09
CA LEU A 338 10.27 9.71 -42.44
C LEU A 338 11.23 9.41 -43.58
N VAL A 339 12.40 8.87 -43.23
CA VAL A 339 13.42 8.54 -44.21
C VAL A 339 13.15 7.13 -44.72
N ASP A 340 13.04 6.98 -46.04
CA ASP A 340 12.79 5.68 -46.65
C ASP A 340 14.12 4.93 -46.79
N SER A 341 14.10 3.82 -47.53
CA SER A 341 15.31 3.04 -47.72
C SER A 341 16.31 3.76 -48.62
N LYS A 342 15.83 4.63 -49.49
CA LYS A 342 16.69 5.31 -50.46
C LYS A 342 17.22 6.66 -49.96
N LYS A 343 17.31 6.83 -48.64
CA LYS A 343 17.86 8.04 -48.03
C LYS A 343 17.11 9.30 -48.48
N ASN A 344 15.80 9.19 -48.61
CA ASN A 344 14.94 10.32 -48.93
C ASN A 344 14.08 10.63 -47.72
N PHE A 345 14.18 11.85 -47.23
CA PHE A 345 13.49 12.28 -46.02
C PHE A 345 12.31 13.18 -46.37
N TYR A 346 11.17 12.93 -45.73
CA TYR A 346 9.98 13.74 -45.90
C TYR A 346 9.50 14.23 -44.54
N PHE A 347 9.20 15.53 -44.47
CA PHE A 347 8.81 16.14 -43.20
C PHE A 347 7.48 15.59 -42.72
N LEU A 348 7.36 15.39 -41.41
CA LEU A 348 6.12 14.91 -40.80
C LEU A 348 6.05 15.45 -39.38
N GLU A 349 5.24 16.48 -39.18
CA GLU A 349 4.93 17.05 -37.86
C GLU A 349 6.12 17.74 -37.23
N MET A 350 5.84 18.78 -36.43
CA MET A 350 6.87 19.47 -35.66
C MET A 350 6.35 19.67 -34.25
N ASN A 351 7.02 19.08 -33.27
CA ASN A 351 6.62 19.22 -31.88
C ASN A 351 7.15 20.54 -31.33
N THR A 352 6.25 21.46 -31.03
CA THR A 352 6.63 22.77 -30.50
C THR A 352 6.68 22.74 -28.97
N ARG A 353 7.53 21.86 -28.47
CA ARG A 353 7.70 21.66 -27.03
C ARG A 353 8.94 20.81 -26.82
N LEU A 354 9.29 20.62 -25.55
CA LEU A 354 10.39 19.73 -25.21
C LEU A 354 10.01 18.29 -25.53
N GLN A 355 10.95 17.55 -26.10
CA GLN A 355 10.70 16.18 -26.49
C GLN A 355 10.89 15.23 -25.31
N VAL A 356 10.12 14.14 -25.31
CA VAL A 356 10.24 13.15 -24.25
C VAL A 356 11.62 12.50 -24.27
N GLU A 357 12.12 12.18 -25.46
CA GLU A 357 13.42 11.55 -25.63
C GLU A 357 14.55 12.57 -25.75
N HIS A 358 14.36 13.77 -25.22
CA HIS A 358 15.41 14.77 -25.26
C HIS A 358 16.70 14.38 -24.53
N PRO A 359 16.69 13.68 -23.38
CA PRO A 359 17.95 13.46 -22.68
C PRO A 359 19.00 12.72 -23.49
N VAL A 360 18.59 11.83 -24.40
CA VAL A 360 19.57 11.01 -25.11
C VAL A 360 20.48 11.89 -25.97
N THR A 361 19.91 12.87 -26.68
CA THR A 361 20.74 13.78 -27.46
C THR A 361 21.54 14.73 -26.58
N GLU A 362 21.20 14.82 -25.29
CA GLU A 362 22.05 15.55 -24.36
C GLU A 362 23.33 14.79 -24.08
N CYS A 363 23.32 13.47 -24.23
CA CYS A 363 24.51 12.68 -23.92
C CYS A 363 25.59 12.88 -24.97
N ILE A 364 25.22 12.83 -26.25
CA ILE A 364 26.22 13.00 -27.31
C ILE A 364 26.70 14.45 -27.37
N THR A 365 25.78 15.40 -27.30
CA THR A 365 26.16 16.81 -27.44
C THR A 365 26.79 17.36 -26.16
N GLY A 366 26.38 16.86 -24.99
CA GLY A 366 26.85 17.43 -23.75
C GLY A 366 26.22 18.73 -23.36
N LEU A 367 25.03 19.02 -23.88
CA LEU A 367 24.32 20.27 -23.60
C LEU A 367 23.09 19.98 -22.75
N ASP A 368 22.83 20.87 -21.79
CA ASP A 368 21.63 20.80 -20.97
C ASP A 368 20.54 21.61 -21.68
N LEU A 369 19.58 20.91 -22.29
CA LEU A 369 18.58 21.59 -23.10
C LEU A 369 17.72 22.53 -22.27
N VAL A 370 17.29 22.08 -21.08
CA VAL A 370 16.40 22.90 -20.27
C VAL A 370 17.11 24.18 -19.83
N GLN A 371 18.40 24.08 -19.53
CA GLN A 371 19.16 25.28 -19.21
C GLN A 371 19.17 26.25 -20.38
N GLU A 372 19.32 25.73 -21.60
CA GLU A 372 19.32 26.59 -22.78
C GLU A 372 17.96 27.25 -22.98
N MET A 373 16.87 26.51 -22.77
CA MET A 373 15.55 27.12 -22.88
C MET A 373 15.35 28.20 -21.83
N ILE A 374 15.81 27.96 -20.61
CA ILE A 374 15.69 28.98 -19.56
C ILE A 374 16.49 30.22 -19.93
N ARG A 375 17.72 30.04 -20.42
CA ARG A 375 18.55 31.17 -20.80
C ARG A 375 17.92 31.95 -21.95
N VAL A 376 17.35 31.24 -22.93
CA VAL A 376 16.69 31.92 -24.05
C VAL A 376 15.49 32.71 -23.55
N ALA A 377 14.70 32.12 -22.65
CA ALA A 377 13.56 32.83 -22.08
C ALA A 377 14.01 34.08 -21.33
N LYS A 378 15.16 34.01 -20.65
CA LYS A 378 15.70 35.19 -19.98
C LYS A 378 16.05 36.29 -20.98
N GLY A 379 16.37 35.93 -22.22
CA GLY A 379 16.73 36.89 -23.24
C GLY A 379 18.18 36.83 -23.69
N TYR A 380 19.00 36.01 -23.03
CA TYR A 380 20.40 35.90 -23.43
C TYR A 380 20.51 35.24 -24.79
N PRO A 381 21.51 35.59 -25.58
CA PRO A 381 21.72 34.93 -26.86
C PRO A 381 22.35 33.56 -26.69
N LEU A 382 22.30 32.77 -27.76
CA LEU A 382 22.89 31.45 -27.75
C LEU A 382 24.40 31.54 -27.63
N ARG A 383 24.97 30.68 -26.80
CA ARG A 383 26.41 30.66 -26.56
C ARG A 383 27.13 29.59 -27.37
N HIS A 384 26.43 28.93 -28.29
CA HIS A 384 27.03 27.90 -29.12
C HIS A 384 26.74 28.20 -30.59
N LYS A 385 27.70 27.83 -31.44
CA LYS A 385 27.58 27.99 -32.88
C LYS A 385 27.41 26.63 -33.53
N GLN A 386 27.11 26.66 -34.84
CA GLN A 386 26.87 25.42 -35.56
C GLN A 386 28.12 24.54 -35.58
N ALA A 387 29.30 25.15 -35.73
CA ALA A 387 30.54 24.37 -35.73
C ALA A 387 30.83 23.78 -34.35
N ASP A 388 30.33 24.42 -33.28
CA ASP A 388 30.57 23.91 -31.93
C ASP A 388 29.87 22.59 -31.69
N ILE A 389 28.75 22.34 -32.38
CA ILE A 389 27.99 21.12 -32.17
C ILE A 389 28.70 19.94 -32.82
N ARG A 390 28.93 18.89 -32.05
CA ARG A 390 29.59 17.70 -32.55
C ARG A 390 29.11 16.49 -31.76
N ILE A 391 29.24 15.32 -32.38
CA ILE A 391 28.80 14.06 -31.78
C ILE A 391 29.93 13.50 -30.93
N ASN A 392 29.61 13.09 -29.70
CA ASN A 392 30.59 12.53 -28.77
C ASN A 392 30.06 11.19 -28.28
N GLY A 393 30.39 10.13 -28.99
CA GLY A 393 30.00 8.79 -28.58
C GLY A 393 28.64 8.39 -29.10
N TRP A 394 28.06 7.39 -28.43
CA TRP A 394 26.76 6.85 -28.78
C TRP A 394 25.90 6.84 -27.52
N ALA A 395 24.58 6.94 -27.71
CA ALA A 395 23.67 6.93 -26.59
C ALA A 395 22.35 6.28 -26.99
N VAL A 396 21.84 5.40 -26.13
CA VAL A 396 20.60 4.68 -26.35
C VAL A 396 19.75 4.76 -25.10
N GLU A 397 18.45 5.00 -25.27
CA GLU A 397 17.56 5.07 -24.11
C GLU A 397 16.28 4.32 -24.41
N CYS A 398 15.65 3.86 -23.33
CA CYS A 398 14.43 3.07 -23.37
C CYS A 398 13.42 3.60 -22.37
N ARG A 399 12.14 3.42 -22.69
CA ARG A 399 11.05 3.84 -21.83
C ARG A 399 10.55 2.63 -21.04
N VAL A 400 10.72 2.65 -19.74
CA VAL A 400 10.21 1.61 -18.86
C VAL A 400 8.80 2.00 -18.44
N TYR A 401 7.81 1.30 -18.97
CA TYR A 401 6.40 1.53 -18.69
C TYR A 401 5.90 0.53 -17.64
N ALA A 402 4.75 0.85 -17.07
CA ALA A 402 4.04 -0.09 -16.19
C ALA A 402 2.93 -0.75 -16.99
N GLU A 403 3.33 -1.70 -17.84
CA GLU A 403 2.41 -2.38 -18.72
C GLU A 403 2.84 -3.82 -18.90
N ASP A 404 1.88 -4.66 -19.28
CA ASP A 404 2.15 -6.08 -19.49
C ASP A 404 2.53 -6.28 -20.95
N PRO A 405 3.78 -6.64 -21.25
CA PRO A 405 4.20 -6.74 -22.66
C PRO A 405 3.65 -7.96 -23.38
N TYR A 406 2.97 -8.87 -22.68
CA TYR A 406 2.44 -10.08 -23.30
C TYR A 406 1.07 -9.88 -23.92
N LYS A 407 0.47 -8.70 -23.78
CA LYS A 407 -0.87 -8.44 -24.30
C LYS A 407 -0.82 -7.18 -25.16
N SER A 408 -1.00 -7.37 -26.47
CA SER A 408 -1.03 -6.27 -27.43
C SER A 408 0.21 -5.40 -27.35
N PHE A 409 1.36 -6.05 -27.12
CA PHE A 409 2.66 -5.38 -26.98
C PHE A 409 2.62 -4.32 -25.88
N GLY A 410 1.87 -4.57 -24.82
CA GLY A 410 1.77 -3.63 -23.73
C GLY A 410 0.35 -3.20 -23.43
N LEU A 411 -0.12 -3.50 -22.22
CA LEU A 411 -1.44 -3.11 -21.76
C LEU A 411 -1.27 -2.47 -20.40
N PRO A 412 -1.81 -1.27 -20.18
CA PRO A 412 -1.52 -0.54 -18.93
C PRO A 412 -1.94 -1.32 -17.70
N SER A 413 -1.12 -1.24 -16.66
CA SER A 413 -1.36 -1.94 -15.41
C SER A 413 -1.33 -0.94 -14.26
N ILE A 414 -1.88 -1.37 -13.12
CA ILE A 414 -1.96 -0.54 -11.93
C ILE A 414 -1.44 -1.33 -10.74
N GLY A 415 -1.10 -0.60 -9.69
CA GLY A 415 -0.60 -1.22 -8.47
C GLY A 415 0.29 -0.27 -7.72
N ARG A 416 0.85 -0.79 -6.62
CA ARG A 416 1.74 -0.04 -5.75
C ARG A 416 3.10 -0.74 -5.72
N LEU A 417 4.17 0.04 -5.77
CA LEU A 417 5.52 -0.49 -5.88
C LEU A 417 6.01 -0.92 -4.51
N SER A 418 6.09 -2.24 -4.30
CA SER A 418 6.61 -2.76 -3.04
C SER A 418 8.13 -2.68 -2.98
N GLN A 419 8.80 -2.72 -4.13
CA GLN A 419 10.25 -2.59 -4.20
C GLN A 419 10.63 -1.85 -5.48
N TYR A 420 11.58 -0.93 -5.37
CA TYR A 420 12.02 -0.16 -6.53
C TYR A 420 13.48 0.23 -6.33
N GLN A 421 14.34 -0.21 -7.25
CA GLN A 421 15.75 0.11 -7.21
C GLN A 421 16.25 0.34 -8.64
N GLU A 422 17.08 1.37 -8.80
CA GLU A 422 17.68 1.76 -10.06
C GLU A 422 19.16 1.40 -10.09
N PRO A 423 19.71 1.08 -11.27
CA PRO A 423 21.13 0.70 -11.36
C PRO A 423 22.05 1.91 -11.54
N LEU A 424 21.99 2.83 -10.59
CA LEU A 424 22.77 4.06 -10.69
C LEU A 424 24.27 3.81 -10.58
N HIS A 425 24.69 2.73 -9.91
CA HIS A 425 26.10 2.46 -9.73
C HIS A 425 26.75 1.86 -10.99
N LEU A 426 25.96 1.41 -11.95
CA LEU A 426 26.52 0.84 -13.16
C LEU A 426 27.15 1.94 -14.01
N PRO A 427 28.18 1.61 -14.79
CA PRO A 427 28.87 2.65 -15.58
C PRO A 427 28.00 3.17 -16.71
N GLY A 428 28.04 4.48 -16.91
CA GLY A 428 27.35 5.13 -18.01
C GLY A 428 25.85 4.92 -18.02
N VAL A 429 25.21 5.10 -16.87
CA VAL A 429 23.77 4.91 -16.74
C VAL A 429 23.17 6.16 -16.12
N ARG A 430 22.11 6.67 -16.75
CA ARG A 430 21.35 7.80 -16.23
C ARG A 430 19.87 7.43 -16.22
N VAL A 431 19.21 7.65 -15.08
CA VAL A 431 17.83 7.29 -14.90
C VAL A 431 17.01 8.55 -14.65
N ASP A 432 15.98 8.75 -15.45
CA ASP A 432 15.04 9.85 -15.27
C ASP A 432 13.71 9.24 -14.84
N SER A 433 13.39 9.34 -13.55
CA SER A 433 12.19 8.71 -13.02
C SER A 433 11.56 9.62 -11.99
N GLY A 434 10.24 9.71 -12.02
CA GLY A 434 9.50 10.44 -11.01
C GLY A 434 8.89 9.49 -10.01
N ILE A 435 9.47 8.30 -9.90
CA ILE A 435 8.93 7.21 -9.08
C ILE A 435 9.89 6.92 -7.94
N GLN A 436 9.35 6.58 -6.79
CA GLN A 436 10.09 6.19 -5.60
C GLN A 436 9.42 4.95 -5.02
N PRO A 437 10.12 4.20 -4.19
CA PRO A 437 9.47 3.03 -3.56
C PRO A 437 8.22 3.44 -2.81
N GLY A 438 7.17 2.65 -2.95
CA GLY A 438 5.88 2.97 -2.38
C GLY A 438 4.99 3.86 -3.22
N SER A 439 5.41 4.22 -4.43
CA SER A 439 4.59 5.03 -5.30
C SER A 439 3.38 4.23 -5.79
N ASP A 440 2.37 4.96 -6.25
CA ASP A 440 1.14 4.36 -6.73
C ASP A 440 0.96 4.64 -8.21
N ILE A 441 0.73 3.59 -8.98
CA ILE A 441 0.47 3.70 -10.42
C ILE A 441 -1.04 3.65 -10.60
N SER A 442 -1.65 4.80 -10.80
CA SER A 442 -3.09 4.91 -10.92
C SER A 442 -3.49 4.98 -12.39
N ILE A 443 -4.80 5.08 -12.63
CA ILE A 443 -5.32 5.14 -13.99
C ILE A 443 -5.42 6.56 -14.53
N TYR A 444 -5.13 7.58 -13.71
CA TYR A 444 -5.35 8.96 -14.12
C TYR A 444 -4.24 9.51 -15.02
N TYR A 445 -3.05 8.91 -15.03
CA TYR A 445 -1.91 9.50 -15.71
C TYR A 445 -1.21 8.45 -16.56
N ASP A 446 -0.21 8.89 -17.31
CA ASP A 446 0.56 8.01 -18.15
C ASP A 446 1.29 6.98 -17.29
N PRO A 447 1.14 5.69 -17.55
CA PRO A 447 1.73 4.69 -16.66
C PRO A 447 3.22 4.48 -16.86
N MET A 448 3.90 5.42 -17.49
CA MET A 448 5.35 5.30 -17.67
C MET A 448 6.04 5.38 -16.32
N ILE A 449 7.00 4.48 -16.10
CA ILE A 449 7.74 4.44 -14.84
C ILE A 449 9.02 5.25 -14.92
N SER A 450 9.82 5.04 -15.96
CA SER A 450 11.15 5.66 -15.99
C SER A 450 11.65 5.74 -17.41
N LYS A 451 12.73 6.51 -17.58
CA LYS A 451 13.51 6.53 -18.81
C LYS A 451 14.94 6.16 -18.45
N LEU A 452 15.47 5.15 -19.12
CA LEU A 452 16.81 4.64 -18.84
C LEU A 452 17.72 4.99 -20.01
N ILE A 453 18.84 5.64 -19.73
CA ILE A 453 19.75 6.14 -20.75
C ILE A 453 21.12 5.54 -20.49
N THR A 454 21.75 5.03 -21.55
CA THR A 454 23.11 4.52 -21.45
C THR A 454 23.93 5.08 -22.61
N TYR A 455 25.12 5.58 -22.30
CA TYR A 455 26.02 6.14 -23.30
C TYR A 455 27.36 5.43 -23.26
N GLY A 456 28.05 5.44 -24.39
CA GLY A 456 29.34 4.79 -24.49
C GLY A 456 30.14 5.39 -25.63
N SER A 457 31.33 4.83 -25.82
CA SER A 457 32.19 5.29 -26.91
C SER A 457 31.57 4.97 -28.27
N ASP A 458 30.95 3.79 -28.39
CA ASP A 458 30.34 3.37 -29.64
C ASP A 458 29.02 2.67 -29.33
N ARG A 459 28.35 2.20 -30.38
CA ARG A 459 27.02 1.62 -30.23
C ARG A 459 27.06 0.33 -29.42
N THR A 460 28.06 -0.51 -29.65
CA THR A 460 28.11 -1.80 -28.97
C THR A 460 28.27 -1.63 -27.45
N GLU A 461 29.15 -0.70 -27.04
CA GLU A 461 29.32 -0.46 -25.61
C GLU A 461 28.04 0.05 -24.99
N ALA A 462 27.35 0.97 -25.67
CA ALA A 462 26.09 1.50 -25.16
C ALA A 462 25.05 0.39 -25.02
N LEU A 463 24.96 -0.49 -26.02
CA LEU A 463 23.97 -1.58 -25.96
C LEU A 463 24.30 -2.55 -24.83
N LYS A 464 25.58 -2.88 -24.66
CA LYS A 464 25.95 -3.78 -23.57
C LYS A 464 25.64 -3.16 -22.22
N ARG A 465 25.95 -1.88 -22.05
CA ARG A 465 25.62 -1.19 -20.80
C ARG A 465 24.12 -1.15 -20.58
N MET A 466 23.35 -0.96 -21.65
CA MET A 466 21.90 -0.95 -21.53
C MET A 466 21.37 -2.31 -21.07
N ALA A 467 21.93 -3.39 -21.63
CA ALA A 467 21.52 -4.73 -21.20
C ALA A 467 21.86 -4.95 -19.73
N ASP A 468 23.05 -4.54 -19.31
CA ASP A 468 23.42 -4.70 -17.90
C ASP A 468 22.51 -3.90 -16.99
N ALA A 469 22.19 -2.66 -17.37
CA ALA A 469 21.32 -1.83 -16.56
C ALA A 469 19.92 -2.43 -16.46
N LEU A 470 19.41 -2.95 -17.57
CA LEU A 470 18.10 -3.60 -17.53
C LEU A 470 18.13 -4.83 -16.64
N ASP A 471 19.23 -5.57 -16.65
CA ASP A 471 19.35 -6.73 -15.77
C ASP A 471 19.42 -6.33 -14.30
N ASN A 472 20.00 -5.17 -14.00
CA ASN A 472 20.22 -4.73 -12.62
C ASN A 472 19.18 -3.72 -12.15
N TYR A 473 17.94 -3.83 -12.60
CA TYR A 473 16.92 -2.82 -12.32
C TYR A 473 15.71 -3.51 -11.71
N VAL A 474 15.33 -3.10 -10.50
CA VAL A 474 14.41 -3.85 -9.65
C VAL A 474 13.07 -3.12 -9.60
N ILE A 475 12.01 -3.80 -10.05
CA ILE A 475 10.64 -3.33 -9.92
C ILE A 475 9.80 -4.49 -9.40
N ARG A 476 9.24 -4.35 -8.20
CA ARG A 476 8.33 -5.34 -7.64
C ARG A 476 7.07 -4.62 -7.16
N GLY A 477 5.91 -5.05 -7.67
CA GLY A 477 4.66 -4.44 -7.29
C GLY A 477 3.71 -4.27 -8.45
N VAL A 478 4.26 -4.06 -9.64
CA VAL A 478 3.50 -3.93 -10.87
C VAL A 478 4.15 -4.80 -11.94
N THR A 479 3.55 -4.81 -13.12
CA THR A 479 4.09 -5.55 -14.26
C THR A 479 4.67 -4.55 -15.26
N HIS A 480 5.95 -4.71 -15.57
CA HIS A 480 6.67 -3.80 -16.45
C HIS A 480 6.99 -4.50 -17.77
N ASN A 481 7.68 -3.77 -18.65
CA ASN A 481 8.01 -4.26 -19.99
C ASN A 481 9.51 -4.41 -20.18
N ILE A 482 10.24 -4.74 -19.11
CA ILE A 482 11.70 -4.85 -19.22
C ILE A 482 12.09 -6.00 -20.13
N ALA A 483 11.32 -7.09 -20.12
CA ALA A 483 11.64 -8.22 -21.00
C ALA A 483 11.59 -7.81 -22.46
N LEU A 484 10.57 -7.05 -22.85
CA LEU A 484 10.48 -6.59 -24.23
C LEU A 484 11.66 -5.68 -24.59
N LEU A 485 12.03 -4.79 -23.67
CA LEU A 485 13.16 -3.90 -23.93
C LEU A 485 14.44 -4.69 -24.15
N ARG A 486 14.71 -5.67 -23.29
CA ARG A 486 15.93 -6.44 -23.42
C ARG A 486 15.92 -7.27 -24.71
N GLU A 487 14.78 -7.88 -25.04
CA GLU A 487 14.70 -8.64 -26.29
C GLU A 487 14.91 -7.75 -27.50
N VAL A 488 14.41 -6.52 -27.45
CA VAL A 488 14.61 -5.59 -28.56
C VAL A 488 16.09 -5.21 -28.68
N ILE A 489 16.75 -4.91 -27.55
CA ILE A 489 18.12 -4.42 -27.64
C ILE A 489 19.09 -5.55 -27.98
N ILE A 490 18.74 -6.80 -27.67
CA ILE A 490 19.63 -7.92 -28.02
C ILE A 490 19.24 -8.61 -29.32
N ASN A 491 18.19 -8.13 -30.00
CA ASN A 491 17.78 -8.75 -31.25
C ASN A 491 18.85 -8.57 -32.31
N SER A 492 18.96 -9.57 -33.20
CA SER A 492 19.99 -9.54 -34.22
C SER A 492 19.80 -8.39 -35.20
N ARG A 493 18.55 -8.16 -35.62
CA ARG A 493 18.28 -7.08 -36.56
C ARG A 493 18.61 -5.72 -35.96
N PHE A 494 18.26 -5.51 -34.69
CA PHE A 494 18.55 -4.24 -34.04
C PHE A 494 20.05 -4.02 -33.92
N VAL A 495 20.81 -5.06 -33.58
CA VAL A 495 22.26 -4.94 -33.49
C VAL A 495 22.85 -4.64 -34.87
N LYS A 496 22.37 -5.32 -35.91
CA LYS A 496 22.87 -5.06 -37.25
C LYS A 496 22.53 -3.65 -37.69
N GLY A 497 21.33 -3.18 -37.39
CA GLY A 497 20.91 -1.84 -37.72
C GLY A 497 19.78 -1.72 -38.72
N ASP A 498 19.15 -2.83 -39.10
CA ASP A 498 18.04 -2.82 -40.06
C ASP A 498 16.74 -2.83 -39.27
N ILE A 499 16.18 -1.64 -39.03
CA ILE A 499 14.95 -1.48 -38.26
C ILE A 499 14.03 -0.53 -38.99
N SER A 500 12.73 -0.83 -38.95
CA SER A 500 11.69 0.03 -39.49
C SER A 500 10.65 0.29 -38.41
N THR A 501 9.61 1.05 -38.77
CA THR A 501 8.54 1.33 -37.82
C THR A 501 7.65 0.12 -37.55
N LYS A 502 7.79 -0.94 -38.34
CA LYS A 502 7.03 -2.18 -38.13
C LYS A 502 7.91 -3.28 -37.55
N PHE A 503 8.93 -2.90 -36.78
CA PHE A 503 9.85 -3.87 -36.20
C PHE A 503 9.13 -4.84 -35.28
N LEU A 504 8.31 -4.32 -34.36
CA LEU A 504 7.61 -5.18 -33.42
C LEU A 504 6.59 -6.04 -34.14
N SER A 505 5.97 -5.52 -35.20
CA SER A 505 4.94 -6.26 -35.91
C SER A 505 5.52 -7.49 -36.60
N ASP A 506 6.60 -7.31 -37.36
CA ASP A 506 7.12 -8.43 -38.16
C ASP A 506 8.07 -9.31 -37.37
N VAL A 507 8.78 -8.76 -36.37
CA VAL A 507 9.66 -9.60 -35.56
C VAL A 507 8.84 -10.55 -34.69
N TYR A 508 7.73 -10.07 -34.14
CA TYR A 508 6.80 -10.88 -33.35
C TYR A 508 5.44 -10.82 -34.02
N PRO A 509 5.21 -11.65 -35.04
CA PRO A 509 3.88 -11.62 -35.70
C PRO A 509 2.75 -12.00 -34.78
N ASP A 510 2.83 -13.17 -34.13
CA ASP A 510 1.78 -13.58 -33.21
C ASP A 510 1.72 -12.65 -32.00
N GLY A 511 2.87 -12.23 -31.50
CA GLY A 511 2.93 -11.39 -30.34
C GLY A 511 4.17 -11.71 -29.53
N PHE A 512 4.36 -10.95 -28.46
CA PHE A 512 5.51 -11.16 -27.60
C PHE A 512 5.32 -12.45 -26.79
N LYS A 513 6.34 -13.30 -26.78
CA LYS A 513 6.30 -14.56 -26.07
C LYS A 513 7.37 -14.68 -25.00
N GLY A 514 8.39 -13.84 -25.01
CA GLY A 514 9.48 -13.91 -24.07
C GLY A 514 10.79 -14.21 -24.76
N HIS A 515 11.81 -14.47 -23.96
CA HIS A 515 13.13 -14.80 -24.46
C HIS A 515 13.19 -16.29 -24.77
N MET A 516 13.38 -16.64 -26.04
CA MET A 516 13.52 -18.03 -26.45
C MET A 516 14.97 -18.43 -26.18
N LEU A 517 15.18 -19.15 -25.08
CA LEU A 517 16.52 -19.42 -24.60
C LEU A 517 17.08 -20.69 -25.23
N THR A 518 18.36 -20.65 -25.59
CA THR A 518 19.02 -21.73 -26.30
C THR A 518 19.44 -22.84 -25.34
N LYS A 519 20.09 -23.87 -25.90
CA LYS A 519 20.49 -25.01 -25.08
C LYS A 519 21.48 -24.61 -23.99
N SER A 520 22.48 -23.81 -24.34
CA SER A 520 23.46 -23.37 -23.36
C SER A 520 22.80 -22.50 -22.29
N GLU A 521 21.94 -21.57 -22.72
CA GLU A 521 21.25 -20.71 -21.76
C GLU A 521 20.28 -21.51 -20.90
N LYS A 522 19.61 -22.51 -21.49
CA LYS A 522 18.72 -23.35 -20.71
C LYS A 522 19.49 -24.15 -19.66
N ASN A 523 20.64 -24.69 -20.04
CA ASN A 523 21.47 -25.40 -19.07
C ASN A 523 21.94 -24.47 -17.97
N GLN A 524 22.34 -23.25 -18.32
CA GLN A 524 22.78 -22.30 -17.31
C GLN A 524 21.64 -21.95 -16.36
N LEU A 525 20.43 -21.74 -16.89
CA LEU A 525 19.29 -21.43 -16.03
C LEU A 525 18.96 -22.57 -15.10
N LEU A 526 18.98 -23.81 -15.62
CA LEU A 526 18.69 -24.96 -14.77
C LEU A 526 19.75 -25.12 -13.68
N ALA A 527 21.02 -24.91 -14.04
CA ALA A 527 22.08 -25.00 -13.05
C ALA A 527 21.93 -23.95 -11.96
N ILE A 528 21.60 -22.71 -12.35
CA ILE A 528 21.44 -21.64 -11.38
C ILE A 528 20.26 -21.93 -10.45
N ALA A 529 19.14 -22.38 -11.02
CA ALA A 529 17.98 -22.68 -10.19
C ALA A 529 18.27 -23.81 -9.22
N SER A 530 18.93 -24.87 -9.69
CA SER A 530 19.26 -25.98 -8.81
C SER A 530 20.22 -25.56 -7.71
N SER A 531 21.23 -24.75 -8.05
CA SER A 531 22.17 -24.28 -7.05
C SER A 531 21.47 -23.41 -6.01
N LEU A 532 20.54 -22.56 -6.45
CA LEU A 532 19.81 -21.72 -5.52
C LEU A 532 18.93 -22.55 -4.58
N PHE A 533 18.27 -23.58 -5.12
CA PHE A 533 17.46 -24.46 -4.30
C PHE A 533 18.33 -25.16 -3.25
N VAL A 534 19.48 -25.67 -3.67
CA VAL A 534 20.37 -26.36 -2.73
C VAL A 534 20.92 -25.38 -1.70
N ALA A 535 21.20 -24.14 -2.10
CA ALA A 535 21.67 -23.15 -1.16
C ALA A 535 20.62 -22.83 -0.10
N PHE A 536 19.36 -22.71 -0.50
CA PHE A 536 18.29 -22.51 0.47
C PHE A 536 18.18 -23.69 1.42
N GLN A 537 18.26 -24.92 0.88
CA GLN A 537 18.18 -26.10 1.73
C GLN A 537 19.33 -26.14 2.72
N LEU A 538 20.53 -25.79 2.29
CA LEU A 538 21.68 -25.79 3.19
C LEU A 538 21.54 -24.71 4.26
N ARG A 539 21.07 -23.53 3.88
CA ARG A 539 20.87 -22.47 4.86
C ARG A 539 19.83 -22.86 5.89
N ALA A 540 18.83 -23.65 5.49
CA ALA A 540 17.79 -24.06 6.43
C ALA A 540 18.32 -24.86 7.60
N GLN A 541 19.53 -25.43 7.48
CA GLN A 541 20.09 -26.31 8.51
C GLN A 541 21.01 -25.58 9.47
N HIS A 542 21.17 -24.27 9.34
CA HIS A 542 22.10 -23.51 10.18
C HIS A 542 21.33 -22.91 11.34
N PHE A 543 21.39 -23.59 12.49
CA PHE A 543 20.78 -23.12 13.72
C PHE A 543 21.86 -22.62 14.67
N GLN A 544 21.43 -21.96 15.74
CA GLN A 544 22.32 -21.57 16.80
C GLN A 544 22.55 -22.74 17.75
N GLU A 545 23.67 -22.69 18.46
CA GLU A 545 24.00 -23.75 19.40
C GLU A 545 22.95 -23.83 20.51
N ASN A 546 22.47 -25.05 20.77
CA ASN A 546 21.41 -25.25 21.74
C ASN A 546 21.94 -25.65 23.12
N SER A 547 23.03 -26.41 23.16
CA SER A 547 23.70 -26.91 24.36
C SER A 547 22.85 -27.90 25.14
N ARG A 548 21.63 -28.20 24.69
CA ARG A 548 20.79 -29.24 25.28
C ARG A 548 20.51 -30.37 24.31
N MET A 549 20.17 -30.06 23.06
CA MET A 549 20.01 -31.05 22.01
C MET A 549 20.83 -30.60 20.81
N PRO A 550 22.10 -30.98 20.74
CA PRO A 550 22.95 -30.54 19.63
C PRO A 550 22.41 -31.01 18.30
N VAL A 551 22.58 -30.18 17.27
CA VAL A 551 22.08 -30.47 15.94
C VAL A 551 23.13 -31.27 15.18
N ILE A 552 22.73 -32.43 14.68
CA ILE A 552 23.59 -33.27 13.86
C ILE A 552 23.24 -32.98 12.40
N LYS A 553 24.08 -32.17 11.75
CA LYS A 553 23.81 -31.78 10.37
C LYS A 553 23.92 -32.99 9.45
N PRO A 554 22.97 -33.17 8.54
CA PRO A 554 23.07 -34.27 7.58
C PRO A 554 24.30 -34.12 6.68
N ASP A 555 24.87 -35.24 6.30
CA ASP A 555 26.10 -35.27 5.50
C ASP A 555 25.81 -35.65 4.05
N ILE A 556 24.69 -35.19 3.49
CA ILE A 556 24.37 -35.49 2.11
C ILE A 556 25.39 -34.84 1.19
N ALA A 557 25.89 -35.62 0.24
CA ALA A 557 26.93 -35.17 -0.67
C ALA A 557 26.38 -34.69 -2.01
N ASN A 558 25.50 -35.47 -2.64
CA ASN A 558 24.93 -35.12 -3.94
C ASN A 558 23.43 -34.98 -3.81
N TRP A 559 22.89 -33.85 -4.24
CA TRP A 559 21.45 -33.64 -4.31
C TRP A 559 21.00 -34.02 -5.71
N GLU A 560 20.18 -35.06 -5.80
CA GLU A 560 19.60 -35.47 -7.07
C GLU A 560 18.18 -34.91 -7.15
N LEU A 561 17.92 -34.11 -8.17
CA LEU A 561 16.73 -33.29 -8.26
C LEU A 561 16.06 -33.48 -9.62
N SER A 562 14.75 -33.29 -9.62
CA SER A 562 13.95 -33.22 -10.82
C SER A 562 13.44 -31.79 -10.98
N VAL A 563 13.75 -31.17 -12.11
CA VAL A 563 13.40 -29.78 -12.36
C VAL A 563 12.45 -29.75 -13.55
N LYS A 564 11.25 -29.22 -13.34
CA LYS A 564 10.25 -29.08 -14.38
C LYS A 564 10.28 -27.65 -14.89
N LEU A 565 10.54 -27.48 -16.18
CA LEU A 565 10.54 -26.19 -16.85
C LEU A 565 9.69 -26.28 -18.09
N HIS A 566 8.77 -25.32 -18.26
CA HIS A 566 7.78 -25.37 -19.33
C HIS A 566 6.99 -26.67 -19.24
N ASP A 567 7.26 -27.61 -20.14
CA ASP A 567 6.60 -28.91 -20.13
C ASP A 567 7.62 -30.03 -20.20
N LYS A 568 8.83 -29.80 -19.69
CA LYS A 568 9.90 -30.77 -19.71
C LYS A 568 10.43 -30.99 -18.31
N VAL A 569 10.94 -32.20 -18.07
CA VAL A 569 11.51 -32.60 -16.79
C VAL A 569 12.96 -32.96 -17.01
N HIS A 570 13.84 -32.39 -16.20
CA HIS A 570 15.28 -32.61 -16.30
C HIS A 570 15.80 -33.18 -14.99
N THR A 571 16.80 -34.06 -15.10
CA THR A 571 17.46 -34.64 -13.94
C THR A 571 18.75 -33.89 -13.68
N VAL A 572 18.92 -33.42 -12.45
CA VAL A 572 20.06 -32.59 -12.07
C VAL A 572 20.76 -33.23 -10.89
N VAL A 573 22.09 -33.19 -10.89
CA VAL A 573 22.88 -33.66 -9.76
C VAL A 573 23.77 -32.51 -9.30
N ALA A 574 23.52 -32.00 -8.10
CA ALA A 574 24.21 -30.84 -7.59
C ALA A 574 25.09 -31.21 -6.41
N SER A 575 26.31 -30.71 -6.39
CA SER A 575 27.23 -30.90 -5.28
C SER A 575 27.81 -29.56 -4.88
N ASN A 576 28.06 -29.39 -3.59
CA ASN A 576 28.55 -28.14 -3.05
C ASN A 576 29.96 -28.32 -2.50
N ASN A 577 30.82 -27.35 -2.77
CA ASN A 577 32.21 -27.34 -2.30
C ASN A 577 32.53 -25.99 -1.67
N GLY A 578 31.65 -25.54 -0.77
CA GLY A 578 31.81 -24.24 -0.14
C GLY A 578 30.95 -23.19 -0.82
N SER A 579 31.57 -22.32 -1.60
CA SER A 579 30.84 -21.33 -2.40
C SER A 579 30.78 -21.72 -3.86
N VAL A 580 31.12 -22.96 -4.20
CA VAL A 580 31.22 -23.42 -5.58
C VAL A 580 30.33 -24.64 -5.73
N PHE A 581 29.42 -24.61 -6.71
CA PHE A 581 28.50 -25.70 -6.97
C PHE A 581 28.86 -26.36 -8.30
N SER A 582 28.97 -27.69 -8.28
CA SER A 582 29.14 -28.48 -9.49
C SER A 582 27.79 -29.08 -9.84
N VAL A 583 27.31 -28.82 -11.05
CA VAL A 583 25.97 -29.19 -11.46
C VAL A 583 26.07 -30.10 -12.68
N GLU A 584 25.32 -31.19 -12.66
CA GLU A 584 25.25 -32.16 -13.74
C GLU A 584 23.84 -32.13 -14.29
N VAL A 585 23.68 -31.59 -15.50
CA VAL A 585 22.37 -31.44 -16.14
C VAL A 585 22.39 -32.31 -17.39
N ASP A 586 21.80 -33.50 -17.30
CA ASP A 586 21.65 -34.40 -18.44
C ASP A 586 23.00 -34.65 -19.13
N GLY A 587 24.04 -34.83 -18.33
CA GLY A 587 25.36 -35.08 -18.87
C GLY A 587 26.24 -33.86 -18.94
N SER A 588 25.64 -32.69 -19.14
CA SER A 588 26.42 -31.46 -19.21
C SER A 588 26.92 -31.08 -17.82
N LYS A 589 28.19 -30.67 -17.74
CA LYS A 589 28.80 -30.28 -16.48
C LYS A 589 28.96 -28.77 -16.43
N LEU A 590 28.40 -28.16 -15.39
CA LEU A 590 28.47 -26.72 -15.20
C LEU A 590 29.01 -26.41 -13.82
N ASN A 591 29.60 -25.23 -13.69
CA ASN A 591 30.24 -24.81 -12.45
C ASN A 591 29.74 -23.42 -12.10
N VAL A 592 29.01 -23.29 -10.99
CA VAL A 592 28.37 -22.04 -10.60
C VAL A 592 29.00 -21.55 -9.31
N THR A 593 29.53 -20.33 -9.33
CA THR A 593 30.09 -19.71 -8.15
C THR A 593 29.43 -18.36 -7.90
N SER A 594 29.18 -18.06 -6.63
CA SER A 594 28.53 -16.82 -6.23
C SER A 594 28.72 -16.65 -4.74
N THR A 595 28.40 -15.44 -4.25
CA THR A 595 28.41 -15.19 -2.81
C THR A 595 27.18 -15.77 -2.12
N TRP A 596 26.14 -16.11 -2.88
CA TRP A 596 24.94 -16.77 -2.36
C TRP A 596 24.31 -15.99 -1.21
N ASN A 597 24.04 -14.71 -1.46
CA ASN A 597 23.28 -13.89 -0.54
C ASN A 597 21.80 -14.07 -0.88
N LEU A 598 21.08 -14.77 -0.01
CA LEU A 598 19.72 -15.18 -0.32
C LEU A 598 18.68 -14.10 0.02
N ALA A 599 19.10 -12.95 0.53
CA ALA A 599 18.17 -11.89 0.89
C ALA A 599 18.18 -10.70 -0.06
N SER A 600 19.29 -10.45 -0.73
CA SER A 600 19.36 -9.32 -1.65
C SER A 600 18.47 -9.58 -2.87
N PRO A 601 17.78 -8.56 -3.37
CA PRO A 601 16.93 -8.76 -4.56
C PRO A 601 17.72 -9.20 -5.79
N LEU A 602 18.94 -8.72 -5.94
CA LEU A 602 19.79 -9.04 -7.09
C LEU A 602 20.84 -10.06 -6.69
N LEU A 603 20.99 -11.11 -7.50
CA LEU A 603 21.99 -12.14 -7.26
C LEU A 603 22.93 -12.22 -8.45
N SER A 604 24.22 -12.10 -8.19
CA SER A 604 25.24 -12.20 -9.23
C SER A 604 25.92 -13.56 -9.16
N VAL A 605 25.92 -14.28 -10.27
CA VAL A 605 26.50 -15.62 -10.34
C VAL A 605 27.48 -15.67 -11.50
N SER A 606 28.36 -16.66 -11.46
CA SER A 606 29.34 -16.89 -12.51
C SER A 606 29.23 -18.36 -12.93
N VAL A 607 28.64 -18.60 -14.09
CA VAL A 607 28.46 -19.95 -14.62
C VAL A 607 29.49 -20.14 -15.72
N ASP A 608 30.45 -21.04 -15.48
CA ASP A 608 31.50 -21.35 -16.45
C ASP A 608 32.25 -20.08 -16.88
N GLY A 609 32.46 -19.18 -15.93
CA GLY A 609 33.14 -17.93 -16.21
C GLY A 609 32.20 -16.83 -16.65
N THR A 610 31.12 -17.19 -17.33
CA THR A 610 30.16 -16.19 -17.80
C THR A 610 29.42 -15.58 -16.62
N GLN A 611 29.39 -14.26 -16.56
CA GLN A 611 28.75 -13.54 -15.47
C GLN A 611 27.28 -13.33 -15.79
N ARG A 612 26.41 -13.62 -14.82
CA ARG A 612 24.98 -13.48 -15.00
C ARG A 612 24.38 -12.85 -13.76
N THR A 613 23.25 -12.16 -13.96
CA THR A 613 22.50 -11.56 -12.86
C THR A 613 21.08 -12.07 -12.90
N VAL A 614 20.61 -12.62 -11.79
CA VAL A 614 19.29 -13.23 -11.70
C VAL A 614 18.57 -12.66 -10.49
N GLN A 615 17.24 -12.76 -10.54
CA GLN A 615 16.40 -12.34 -9.43
C GLN A 615 15.47 -13.47 -9.04
N CYS A 616 15.28 -13.68 -7.74
CA CYS A 616 14.38 -14.71 -7.23
C CYS A 616 13.08 -14.04 -6.81
N LEU A 617 12.11 -14.00 -7.71
CA LEU A 617 10.87 -13.28 -7.44
C LEU A 617 9.99 -14.03 -6.45
N SER A 618 9.88 -15.34 -6.61
CA SER A 618 8.99 -16.15 -5.79
C SER A 618 9.71 -17.42 -5.37
N ARG A 619 9.25 -17.99 -4.24
CA ARG A 619 9.83 -19.21 -3.72
C ARG A 619 8.84 -19.83 -2.75
N GLU A 620 8.49 -21.10 -2.99
CA GLU A 620 7.52 -21.80 -2.18
C GLU A 620 8.12 -23.10 -1.65
N ALA A 621 7.60 -23.54 -0.50
CA ALA A 621 8.05 -24.81 0.06
C ALA A 621 7.67 -26.00 -0.80
N GLY A 622 6.68 -25.84 -1.68
CA GLY A 622 6.27 -26.90 -2.57
C GLY A 622 7.14 -27.11 -3.78
N GLY A 623 8.19 -26.31 -3.95
CA GLY A 623 9.11 -26.45 -5.06
C GLY A 623 8.95 -25.42 -6.16
N ASN A 624 7.87 -24.66 -6.18
CA ASN A 624 7.70 -23.62 -7.18
C ASN A 624 8.70 -22.50 -6.97
N MET A 625 9.20 -21.95 -8.08
CA MET A 625 10.17 -20.88 -8.03
C MET A 625 10.05 -20.04 -9.29
N SER A 626 10.13 -18.72 -9.12
CA SER A 626 10.11 -17.77 -10.23
C SER A 626 11.46 -17.08 -10.29
N ILE A 627 12.14 -17.23 -11.43
CA ILE A 627 13.48 -16.66 -11.61
C ILE A 627 13.43 -15.69 -12.77
N GLN A 628 13.79 -14.44 -12.51
CA GLN A 628 14.02 -13.48 -13.58
C GLN A 628 15.46 -13.66 -14.05
N PHE A 629 15.60 -14.15 -15.28
CA PHE A 629 16.88 -14.48 -15.89
C PHE A 629 16.88 -13.90 -17.30
N LEU A 630 17.95 -13.20 -17.64
CA LEU A 630 18.08 -12.56 -18.96
C LEU A 630 16.88 -11.68 -19.28
N GLY A 631 16.29 -11.08 -18.24
CA GLY A 631 15.18 -10.17 -18.40
C GLY A 631 13.81 -10.82 -18.44
N THR A 632 13.73 -12.14 -18.49
CA THR A 632 12.47 -12.84 -18.60
C THR A 632 12.21 -13.68 -17.35
N VAL A 633 10.96 -13.72 -16.93
CA VAL A 633 10.56 -14.45 -15.72
C VAL A 633 10.16 -15.87 -16.12
N TYR A 634 10.88 -16.86 -15.59
CA TYR A 634 10.61 -18.27 -15.86
C TYR A 634 10.13 -18.94 -14.58
N LYS A 635 9.16 -19.83 -14.73
CA LYS A 635 8.61 -20.61 -13.62
C LYS A 635 9.17 -22.02 -13.68
N VAL A 636 9.79 -22.45 -12.58
CA VAL A 636 10.38 -23.77 -12.49
C VAL A 636 9.82 -24.48 -11.26
N ASN A 637 9.83 -25.80 -11.31
CA ASN A 637 9.37 -26.62 -10.19
C ASN A 637 10.48 -27.62 -9.83
N ILE A 638 11.12 -27.43 -8.68
CA ILE A 638 12.26 -28.23 -8.27
C ILE A 638 11.82 -29.16 -7.16
N LEU A 639 12.12 -30.44 -7.32
CA LEU A 639 11.80 -31.44 -6.31
C LEU A 639 12.98 -32.38 -6.15
N THR A 640 13.04 -33.05 -5.00
CA THR A 640 14.01 -34.12 -4.86
C THR A 640 13.56 -35.34 -5.67
N ARG A 641 14.50 -36.26 -5.91
CA ARG A 641 14.19 -37.42 -6.73
C ARG A 641 13.12 -38.28 -6.08
N LEU A 642 13.21 -38.49 -4.76
CA LEU A 642 12.19 -39.26 -4.06
C LEU A 642 10.83 -38.59 -4.15
N ALA A 643 10.80 -37.27 -3.93
CA ALA A 643 9.54 -36.53 -4.03
C ALA A 643 9.00 -36.58 -5.45
N ALA A 644 9.87 -36.49 -6.45
CA ALA A 644 9.43 -36.56 -7.84
C ALA A 644 8.82 -37.93 -8.14
N GLU A 645 9.45 -39.00 -7.66
CA GLU A 645 8.91 -40.34 -7.87
C GLU A 645 7.56 -40.51 -7.20
N LEU A 646 7.43 -40.01 -5.96
CA LEU A 646 6.16 -40.15 -5.25
C LEU A 646 5.08 -39.24 -5.82
N ASN A 647 5.47 -38.16 -6.52
CA ASN A 647 4.49 -37.25 -7.11
C ASN A 647 3.71 -37.89 -8.24
N LYS A 648 4.22 -38.98 -8.82
CA LYS A 648 3.51 -39.62 -9.93
C LYS A 648 2.17 -40.18 -9.53
N PHE A 649 1.95 -40.45 -8.24
CA PHE A 649 0.70 -41.00 -7.75
C PHE A 649 -0.31 -39.93 -7.36
N MET A 650 0.05 -38.65 -7.46
CA MET A 650 -0.87 -37.58 -7.12
C MET A 650 -1.80 -37.30 -8.30
N LEU A 651 -3.09 -37.51 -8.09
CA LEU A 651 -4.07 -37.24 -9.14
C LEU A 651 -4.14 -35.76 -9.44
N GLU A 652 -4.24 -35.42 -10.72
CA GLU A 652 -4.40 -34.03 -11.12
C GLU A 652 -5.77 -33.52 -10.71
N LYS A 653 -5.81 -32.37 -10.07
CA LYS A 653 -7.05 -31.79 -9.55
C LYS A 653 -7.49 -30.66 -10.48
N VAL A 654 -8.72 -30.75 -10.98
CA VAL A 654 -9.25 -29.71 -11.85
C VAL A 654 -9.78 -28.56 -11.01
N THR A 655 -9.29 -27.35 -11.29
CA THR A 655 -9.69 -26.16 -10.54
C THR A 655 -10.09 -25.01 -11.45
N GLU A 656 -10.07 -25.20 -12.77
CA GLU A 656 -10.47 -24.14 -13.68
C GLU A 656 -11.94 -23.76 -13.48
N ASP A 657 -12.81 -24.75 -13.36
CA ASP A 657 -14.24 -24.56 -13.13
C ASP A 657 -14.81 -23.65 -14.22
N THR A 658 -15.86 -22.90 -13.91
CA THR A 658 -16.42 -21.91 -14.83
C THR A 658 -16.30 -20.50 -14.30
N SER A 659 -16.78 -20.25 -13.08
CA SER A 659 -16.71 -18.93 -12.44
C SER A 659 -17.34 -17.84 -13.30
N SER A 660 -18.37 -18.21 -14.07
CA SER A 660 -19.08 -17.24 -14.90
C SER A 660 -19.88 -16.26 -14.06
N VAL A 661 -20.10 -16.56 -12.79
CA VAL A 661 -20.83 -15.70 -11.86
C VAL A 661 -19.89 -15.29 -10.75
N LEU A 662 -19.88 -14.00 -10.42
CA LEU A 662 -19.00 -13.45 -9.39
C LEU A 662 -19.85 -13.17 -8.15
N ARG A 663 -19.88 -14.14 -7.23
CA ARG A 663 -20.61 -13.96 -5.98
C ARG A 663 -19.90 -12.93 -5.11
N SER A 664 -20.68 -12.09 -4.44
CA SER A 664 -20.11 -11.05 -3.60
C SER A 664 -19.39 -11.67 -2.41
N PRO A 665 -18.17 -11.24 -2.10
CA PRO A 665 -17.43 -11.86 -0.98
C PRO A 665 -17.92 -11.38 0.38
N MET A 666 -18.34 -10.12 0.47
CA MET A 666 -18.78 -9.55 1.72
C MET A 666 -20.05 -8.75 1.52
N PRO A 667 -20.94 -8.73 2.52
CA PRO A 667 -22.19 -7.96 2.38
C PRO A 667 -21.93 -6.47 2.45
N GLY A 668 -22.66 -5.72 1.65
CA GLY A 668 -22.51 -4.27 1.63
C GLY A 668 -23.45 -3.65 0.63
N VAL A 669 -23.32 -2.33 0.50
CA VAL A 669 -24.14 -1.53 -0.41
C VAL A 669 -23.22 -0.88 -1.42
N VAL A 670 -23.51 -1.09 -2.71
CA VAL A 670 -22.69 -0.51 -3.77
C VAL A 670 -23.00 0.98 -3.87
N VAL A 671 -21.94 1.79 -3.89
CA VAL A 671 -22.11 3.24 -4.00
C VAL A 671 -21.43 3.82 -5.23
N ALA A 672 -20.37 3.21 -5.75
CA ALA A 672 -19.72 3.70 -6.96
C ALA A 672 -19.51 2.54 -7.90
N VAL A 673 -19.50 2.82 -9.20
CA VAL A 673 -19.27 1.82 -10.23
C VAL A 673 -18.17 2.36 -11.15
N SER A 674 -17.02 1.68 -11.15
CA SER A 674 -15.87 2.16 -11.90
C SER A 674 -15.99 1.90 -13.40
N VAL A 675 -16.68 0.82 -13.79
CA VAL A 675 -16.74 0.42 -15.20
C VAL A 675 -18.16 0.56 -15.72
N LYS A 676 -18.35 0.26 -16.99
CA LYS A 676 -19.67 0.31 -17.60
C LYS A 676 -20.06 -1.09 -18.08
N PRO A 677 -21.33 -1.48 -17.93
CA PRO A 677 -21.75 -2.81 -18.40
C PRO A 677 -21.49 -2.99 -19.88
N GLY A 678 -21.06 -4.19 -20.25
CA GLY A 678 -20.69 -4.50 -21.62
C GLY A 678 -19.23 -4.26 -21.94
N ASP A 679 -18.44 -3.74 -21.01
CA ASP A 679 -17.02 -3.48 -21.23
C ASP A 679 -16.23 -4.71 -20.78
N ALA A 680 -15.72 -5.47 -21.74
CA ALA A 680 -14.92 -6.65 -21.41
C ALA A 680 -13.63 -6.22 -20.73
N VAL A 681 -13.29 -6.91 -19.63
CA VAL A 681 -12.11 -6.60 -18.84
C VAL A 681 -11.37 -7.88 -18.52
N ALA A 682 -10.09 -7.74 -18.18
CA ALA A 682 -9.26 -8.86 -17.80
C ALA A 682 -9.19 -8.96 -16.29
N GLU A 683 -8.38 -9.89 -15.77
CA GLU A 683 -8.26 -10.06 -14.33
C GLU A 683 -7.47 -8.92 -13.71
N GLY A 684 -7.70 -8.68 -12.43
CA GLY A 684 -7.00 -7.65 -11.70
C GLY A 684 -7.27 -6.24 -12.17
N GLN A 685 -8.54 -5.91 -12.45
CA GLN A 685 -8.92 -4.59 -12.89
C GLN A 685 -10.11 -4.10 -12.07
N GLU A 686 -10.15 -2.80 -11.81
CA GLU A 686 -11.15 -2.24 -10.91
C GLU A 686 -12.56 -2.45 -11.46
N ILE A 687 -13.51 -2.66 -10.55
CA ILE A 687 -14.89 -2.95 -10.94
C ILE A 687 -15.82 -1.89 -10.36
N CYS A 688 -15.87 -1.78 -9.03
CA CYS A 688 -16.79 -0.86 -8.38
C CYS A 688 -16.35 -0.67 -6.93
N VAL A 689 -17.00 0.27 -6.25
CA VAL A 689 -16.69 0.61 -4.87
C VAL A 689 -17.96 0.44 -4.04
N ILE A 690 -17.86 -0.38 -2.99
CA ILE A 690 -18.98 -0.71 -2.12
C ILE A 690 -18.76 -0.04 -0.77
N GLU A 691 -19.77 0.65 -0.27
CA GLU A 691 -19.75 1.25 1.05
C GLU A 691 -20.44 0.32 2.04
N ALA A 692 -19.78 0.04 3.16
CA ALA A 692 -20.34 -0.84 4.17
C ALA A 692 -19.69 -0.51 5.51
N MET A 693 -20.50 -0.03 6.45
CA MET A 693 -20.03 0.32 7.79
C MET A 693 -18.92 1.37 7.70
N LYS A 694 -19.18 2.43 6.95
CA LYS A 694 -18.26 3.55 6.76
C LYS A 694 -16.90 3.08 6.24
N MET A 695 -16.94 2.14 5.29
CA MET A 695 -15.73 1.61 4.70
C MET A 695 -15.95 1.43 3.20
N GLN A 696 -14.99 1.91 2.41
CA GLN A 696 -15.02 1.74 0.96
C GLN A 696 -14.18 0.53 0.57
N ASN A 697 -14.79 -0.41 -0.15
CA ASN A 697 -14.12 -1.63 -0.58
C ASN A 697 -14.17 -1.73 -2.10
N SER A 698 -13.00 -1.97 -2.71
CA SER A 698 -12.91 -2.11 -4.15
C SER A 698 -12.41 -3.51 -4.50
N MET A 699 -13.11 -4.16 -5.42
CA MET A 699 -12.76 -5.50 -5.86
C MET A 699 -12.24 -5.46 -7.30
N THR A 700 -11.84 -6.63 -7.78
CA THR A 700 -11.31 -6.78 -9.13
C THR A 700 -12.14 -7.79 -9.91
N ALA A 701 -12.02 -7.73 -11.23
CA ALA A 701 -12.74 -8.67 -12.09
C ALA A 701 -12.25 -10.09 -11.86
N GLY A 702 -13.18 -11.04 -11.95
CA GLY A 702 -12.85 -12.43 -11.67
C GLY A 702 -12.26 -13.18 -12.85
N LYS A 703 -12.99 -13.24 -13.96
CA LYS A 703 -12.58 -13.99 -15.14
C LYS A 703 -12.33 -13.06 -16.31
N THR A 704 -11.59 -13.57 -17.29
CA THR A 704 -11.30 -12.81 -18.51
C THR A 704 -12.55 -12.60 -19.36
N GLY A 705 -13.59 -13.41 -19.16
CA GLY A 705 -14.79 -13.36 -19.96
C GLY A 705 -15.42 -11.99 -20.09
N THR A 706 -16.10 -11.74 -21.22
CA THR A 706 -16.69 -10.45 -21.48
C THR A 706 -17.77 -10.14 -20.44
N VAL A 707 -17.75 -8.90 -19.94
CA VAL A 707 -18.73 -8.46 -18.95
C VAL A 707 -20.10 -8.40 -19.62
N LYS A 708 -20.98 -9.33 -19.25
CA LYS A 708 -22.34 -9.32 -19.79
C LYS A 708 -23.14 -8.16 -19.23
N SER A 709 -23.08 -7.97 -17.91
CA SER A 709 -23.81 -6.88 -17.26
C SER A 709 -23.29 -6.67 -15.85
N VAL A 710 -23.04 -5.40 -15.49
CA VAL A 710 -22.59 -5.07 -14.14
C VAL A 710 -23.83 -4.98 -13.24
N HIS A 711 -24.16 -6.09 -12.57
CA HIS A 711 -25.35 -6.12 -11.72
C HIS A 711 -25.20 -5.17 -10.54
N CYS A 712 -24.01 -5.10 -9.94
CA CYS A 712 -23.78 -4.21 -8.82
C CYS A 712 -23.80 -2.77 -9.30
N GLN A 713 -24.69 -1.97 -8.73
CA GLN A 713 -24.85 -0.57 -9.13
C GLN A 713 -25.12 0.27 -7.89
N ALA A 714 -24.89 1.57 -8.02
CA ALA A 714 -25.08 2.48 -6.90
C ALA A 714 -26.52 2.46 -6.42
N GLY A 715 -26.70 2.42 -5.10
CA GLY A 715 -28.01 2.35 -4.50
C GLY A 715 -28.60 0.97 -4.39
N ASP A 716 -27.89 -0.06 -4.83
CA ASP A 716 -28.37 -1.44 -4.77
C ASP A 716 -27.57 -2.21 -3.73
N THR A 717 -28.26 -2.71 -2.71
CA THR A 717 -27.60 -3.50 -1.67
C THR A 717 -27.26 -4.89 -2.21
N VAL A 718 -26.01 -5.30 -2.02
CA VAL A 718 -25.51 -6.58 -2.52
C VAL A 718 -24.89 -7.32 -1.34
N GLY A 719 -25.60 -8.31 -0.82
CA GLY A 719 -25.07 -9.12 0.25
C GLY A 719 -24.07 -10.15 -0.25
N GLU A 720 -23.41 -10.82 0.72
CA GLU A 720 -22.43 -11.84 0.38
C GLU A 720 -23.09 -12.98 -0.38
N GLY A 721 -22.41 -13.45 -1.42
CA GLY A 721 -22.94 -14.51 -2.26
C GLY A 721 -23.91 -14.04 -3.33
N ASP A 722 -23.82 -12.78 -3.76
CA ASP A 722 -24.67 -12.23 -4.80
C ASP A 722 -23.82 -11.82 -5.99
N LEU A 723 -24.42 -11.90 -7.18
CA LEU A 723 -23.69 -11.59 -8.40
C LEU A 723 -23.35 -10.11 -8.46
N LEU A 724 -22.08 -9.82 -8.76
CA LEU A 724 -21.61 -8.45 -8.94
C LEU A 724 -21.53 -8.08 -10.42
N VAL A 725 -20.74 -8.81 -11.19
CA VAL A 725 -20.55 -8.57 -12.62
C VAL A 725 -20.74 -9.88 -13.36
N GLU A 726 -21.65 -9.90 -14.32
CA GLU A 726 -21.90 -11.09 -15.12
C GLU A 726 -20.80 -11.26 -16.16
N LEU A 727 -20.27 -12.48 -16.25
CA LEU A 727 -19.20 -12.80 -17.18
C LEU A 727 -19.59 -14.00 -18.03
N GLU A 728 -19.00 -14.08 -19.22
CA GLU A 728 -19.27 -15.19 -20.14
C GLU A 728 -18.43 -16.41 -19.79
N ASP B 1 19.80 -10.73 5.38
CA ASP B 1 18.90 -9.60 5.49
C ASP B 1 19.31 -8.70 6.65
N PRO B 2 19.86 -7.53 6.34
CA PRO B 2 20.32 -6.63 7.39
C PRO B 2 19.18 -6.20 8.29
N SER B 3 19.48 -6.11 9.59
CA SER B 3 18.46 -5.73 10.57
C SER B 3 18.13 -4.25 10.55
N ASP B 4 18.96 -3.43 9.93
CA ASP B 4 18.73 -1.99 9.85
C ASP B 4 18.21 -1.57 8.48
N ARG B 5 17.65 -2.51 7.72
CA ARG B 5 17.12 -2.19 6.40
C ARG B 5 15.94 -1.24 6.54
N LEU B 6 15.93 -0.19 5.72
CA LEU B 6 14.83 0.75 5.72
C LEU B 6 13.68 0.23 4.87
N VAL B 7 12.47 0.65 5.22
CA VAL B 7 11.28 0.23 4.48
C VAL B 7 10.51 1.48 4.07
N PRO B 8 10.99 2.26 3.10
CA PRO B 8 10.30 3.50 2.72
C PRO B 8 8.95 3.26 2.08
N GLU B 9 8.60 2.01 1.76
CA GLU B 9 7.31 1.72 1.14
C GLU B 9 6.15 1.93 2.10
N LEU B 10 6.41 1.98 3.40
CA LEU B 10 5.36 2.09 4.40
C LEU B 10 5.00 3.54 4.71
N ASP B 11 5.69 4.51 4.11
CA ASP B 11 5.44 5.91 4.43
C ASP B 11 4.06 6.35 3.99
N THR B 12 3.58 5.88 2.84
CA THR B 12 2.30 6.31 2.29
C THR B 12 1.33 5.15 2.12
N ILE B 13 1.58 4.04 2.82
CA ILE B 13 0.71 2.88 2.68
C ILE B 13 -0.64 3.12 3.34
N VAL B 14 -0.67 3.90 4.41
CA VAL B 14 -1.91 4.18 5.15
C VAL B 14 -2.59 5.39 4.51
N PRO B 15 -3.79 5.25 3.96
CA PRO B 15 -4.47 6.40 3.37
C PRO B 15 -4.82 7.44 4.44
N LEU B 16 -4.86 8.70 4.00
CA LEU B 16 -5.12 9.79 4.94
C LEU B 16 -6.52 9.71 5.51
N GLU B 17 -7.52 9.54 4.65
CA GLU B 17 -8.91 9.47 5.09
C GLU B 17 -9.20 8.11 5.71
N SER B 18 -9.85 8.13 6.88
CA SER B 18 -10.13 6.91 7.62
C SER B 18 -11.16 6.00 6.95
N THR B 19 -11.86 6.50 5.93
CA THR B 19 -12.89 5.70 5.28
C THR B 19 -12.32 4.67 4.31
N LYS B 20 -11.02 4.75 4.00
CA LYS B 20 -10.38 3.81 3.10
C LYS B 20 -9.62 2.74 3.89
N ALA B 21 -9.41 1.60 3.24
CA ALA B 21 -8.75 0.46 3.84
C ALA B 21 -7.43 0.18 3.14
N TYR B 22 -6.63 -0.68 3.76
CA TYR B 22 -5.36 -1.12 3.19
C TYR B 22 -5.10 -2.53 3.64
N ASN B 23 -4.04 -3.13 3.10
CA ASN B 23 -3.70 -4.52 3.38
C ASN B 23 -2.57 -4.56 4.40
N MET B 24 -2.85 -5.14 5.58
CA MET B 24 -1.82 -5.28 6.59
C MET B 24 -0.78 -6.32 6.21
N VAL B 25 -1.13 -7.27 5.35
CA VAL B 25 -0.16 -8.26 4.90
C VAL B 25 0.99 -7.60 4.16
N ASP B 26 0.71 -6.48 3.46
CA ASP B 26 1.79 -5.73 2.81
C ASP B 26 2.77 -5.20 3.83
N ILE B 27 2.27 -4.63 4.93
CA ILE B 27 3.15 -4.12 5.98
C ILE B 27 3.95 -5.26 6.59
N ILE B 28 3.29 -6.38 6.87
CA ILE B 28 3.98 -7.52 7.47
C ILE B 28 5.08 -8.03 6.56
N HIS B 29 4.79 -8.14 5.26
CA HIS B 29 5.80 -8.58 4.30
C HIS B 29 6.96 -7.60 4.23
N SER B 30 6.67 -6.31 4.28
CA SER B 30 7.73 -5.31 4.21
C SER B 30 8.63 -5.37 5.44
N VAL B 31 8.08 -5.69 6.61
CA VAL B 31 8.86 -5.59 7.83
C VAL B 31 9.72 -6.82 8.06
N VAL B 32 9.20 -8.02 7.79
CA VAL B 32 9.85 -9.25 8.22
C VAL B 32 11.02 -9.62 7.31
N ASP B 33 11.84 -10.57 7.76
CA ASP B 33 13.02 -10.98 7.02
C ASP B 33 12.62 -11.67 5.72
N GLU B 34 13.27 -11.28 4.62
CA GLU B 34 13.11 -11.88 3.31
C GLU B 34 11.67 -11.84 2.81
N ARG B 35 10.81 -11.04 3.43
CA ARG B 35 9.40 -10.93 3.03
C ARG B 35 8.71 -12.29 3.02
N GLU B 36 9.05 -13.12 4.00
CA GLU B 36 8.51 -14.47 4.12
C GLU B 36 7.66 -14.55 5.37
N PHE B 37 6.44 -15.09 5.24
CA PHE B 37 5.46 -15.07 6.31
C PHE B 37 4.59 -16.31 6.20
N PHE B 38 4.61 -17.14 7.23
CA PHE B 38 3.78 -18.35 7.27
C PHE B 38 2.49 -18.02 8.02
N GLU B 39 1.41 -17.84 7.28
CA GLU B 39 0.13 -17.41 7.86
C GLU B 39 -0.63 -18.61 8.40
N ILE B 40 -1.31 -18.43 9.52
CA ILE B 40 -2.11 -19.45 10.16
C ILE B 40 -3.58 -19.09 9.98
N MET B 41 -4.39 -20.06 9.56
CA MET B 41 -5.80 -19.85 9.26
C MET B 41 -6.00 -18.71 8.27
N PRO B 42 -5.39 -18.78 7.09
CA PRO B 42 -5.48 -17.65 6.16
C PRO B 42 -6.87 -17.40 5.60
N ASN B 43 -7.77 -18.37 5.66
CA ASN B 43 -9.10 -18.25 5.06
C ASN B 43 -10.22 -18.28 6.08
N TYR B 44 -9.91 -18.17 7.37
CA TYR B 44 -10.91 -18.20 8.42
C TYR B 44 -10.70 -16.99 9.32
N ALA B 45 -11.80 -16.28 9.60
CA ALA B 45 -11.77 -15.04 10.39
C ALA B 45 -10.74 -14.07 9.82
N LYS B 46 -10.96 -13.71 8.56
CA LYS B 46 -9.98 -12.96 7.78
C LYS B 46 -9.82 -11.51 8.25
N ASN B 47 -10.55 -11.07 9.27
CA ASN B 47 -10.36 -9.73 9.80
C ASN B 47 -9.21 -9.65 10.79
N ILE B 48 -8.55 -10.77 11.09
CA ILE B 48 -7.35 -10.78 11.91
C ILE B 48 -6.33 -11.71 11.24
N ILE B 49 -5.06 -11.33 11.35
CA ILE B 49 -3.96 -12.05 10.72
C ILE B 49 -3.01 -12.53 11.81
N VAL B 50 -2.75 -13.83 11.83
CA VAL B 50 -1.77 -14.42 12.74
C VAL B 50 -0.81 -15.28 11.93
N GLY B 51 0.43 -15.32 12.36
CA GLY B 51 1.40 -16.14 11.64
C GLY B 51 2.77 -16.12 12.27
N PHE B 52 3.67 -16.83 11.62
CA PHE B 52 5.06 -16.94 12.04
C PHE B 52 5.96 -16.26 11.01
N ALA B 53 6.97 -15.54 11.49
CA ALA B 53 7.96 -14.93 10.63
C ALA B 53 9.29 -14.94 11.35
N ARG B 54 10.29 -14.29 10.75
CA ARG B 54 11.61 -14.19 11.37
C ARG B 54 12.08 -12.75 11.34
N MET B 55 12.65 -12.30 12.45
CA MET B 55 13.31 -11.01 12.53
C MET B 55 14.73 -11.24 13.00
N ASN B 56 15.70 -10.81 12.20
CA ASN B 56 17.12 -11.04 12.47
C ASN B 56 17.42 -12.51 12.70
N GLY B 57 16.68 -13.38 12.01
CA GLY B 57 16.86 -14.81 12.12
C GLY B 57 16.12 -15.45 13.27
N ARG B 58 15.49 -14.68 14.14
CA ARG B 58 14.78 -15.21 15.30
C ARG B 58 13.30 -15.33 14.98
N THR B 59 12.72 -16.47 15.35
CA THR B 59 11.30 -16.71 15.09
C THR B 59 10.44 -15.77 15.92
N VAL B 60 9.45 -15.15 15.27
CA VAL B 60 8.53 -14.25 15.94
C VAL B 60 7.11 -14.59 15.51
N GLY B 61 6.17 -14.40 16.43
CA GLY B 61 4.75 -14.52 16.14
C GLY B 61 4.17 -13.15 15.87
N ILE B 62 3.27 -13.08 14.88
CA ILE B 62 2.75 -11.82 14.38
C ILE B 62 1.23 -11.87 14.44
N VAL B 63 0.64 -10.85 15.05
CA VAL B 63 -0.80 -10.66 15.14
C VAL B 63 -1.11 -9.25 14.64
N GLY B 64 -2.17 -9.12 13.83
CA GLY B 64 -2.54 -7.82 13.30
C GLY B 64 -3.98 -7.79 12.87
N ASN B 65 -4.49 -6.57 12.72
CA ASN B 65 -5.83 -6.36 12.21
C ASN B 65 -5.80 -6.30 10.69
N GLN B 66 -6.94 -6.59 10.08
CA GLN B 66 -7.08 -6.48 8.62
C GLN B 66 -8.19 -5.50 8.30
N PRO B 67 -7.86 -4.23 8.03
CA PRO B 67 -8.91 -3.26 7.69
C PRO B 67 -9.68 -3.59 6.42
N LYS B 68 -9.13 -4.43 5.54
CA LYS B 68 -9.86 -4.82 4.34
C LYS B 68 -11.13 -5.59 4.70
N VAL B 69 -11.03 -6.52 5.64
CA VAL B 69 -12.13 -7.44 5.97
C VAL B 69 -12.84 -6.91 7.20
N ALA B 70 -14.11 -6.56 7.05
CA ALA B 70 -14.96 -6.11 8.15
C ALA B 70 -14.36 -4.93 8.91
N SER B 71 -13.64 -4.08 8.19
CA SER B 71 -13.00 -2.88 8.75
C SER B 71 -12.02 -3.19 9.87
N GLY B 72 -11.62 -4.46 10.00
CA GLY B 72 -10.73 -4.84 11.07
C GLY B 72 -11.39 -5.01 12.42
N CYS B 73 -12.71 -4.94 12.48
CA CYS B 73 -13.41 -5.09 13.74
C CYS B 73 -13.23 -6.50 14.31
N LEU B 74 -13.14 -6.58 15.63
CA LEU B 74 -12.98 -7.85 16.31
C LEU B 74 -14.35 -8.48 16.55
N ASP B 75 -14.41 -9.80 16.40
CA ASP B 75 -15.63 -10.56 16.64
C ASP B 75 -15.24 -11.85 17.35
N ILE B 76 -16.20 -12.77 17.44
CA ILE B 76 -15.97 -14.02 18.16
C ILE B 76 -14.88 -14.84 17.49
N ASN B 77 -15.03 -15.06 16.17
CA ASN B 77 -14.10 -15.94 15.47
C ASN B 77 -12.69 -15.39 15.50
N SER B 78 -12.52 -14.09 15.24
CA SER B 78 -11.19 -13.49 15.24
C SER B 78 -10.57 -13.53 16.64
N SER B 79 -11.39 -13.28 17.67
CA SER B 79 -10.88 -13.32 19.03
C SER B 79 -10.35 -14.72 19.38
N VAL B 80 -11.13 -15.75 19.06
CA VAL B 80 -10.70 -17.11 19.37
C VAL B 80 -9.49 -17.50 18.53
N LYS B 81 -9.46 -17.05 17.26
CA LYS B 81 -8.32 -17.36 16.40
C LYS B 81 -7.03 -16.74 16.94
N GLY B 82 -7.10 -15.49 17.38
CA GLY B 82 -5.92 -14.82 17.91
C GLY B 82 -5.47 -15.31 19.27
N ALA B 83 -6.44 -15.63 20.14
CA ALA B 83 -6.11 -15.95 21.53
C ALA B 83 -5.25 -17.21 21.61
N ARG B 84 -5.64 -18.26 20.89
CA ARG B 84 -4.89 -19.51 20.99
C ARG B 84 -3.50 -19.37 20.39
N PHE B 85 -3.37 -18.61 19.30
CA PHE B 85 -2.05 -18.39 18.73
C PHE B 85 -1.16 -17.63 19.69
N VAL B 86 -1.70 -16.61 20.36
CA VAL B 86 -0.92 -15.85 21.33
C VAL B 86 -0.51 -16.75 22.49
N ARG B 87 -1.43 -17.59 22.95
CA ARG B 87 -1.11 -18.50 24.06
C ARG B 87 -0.01 -19.48 23.67
N PHE B 88 -0.07 -20.02 22.45
CA PHE B 88 0.98 -20.93 22.00
C PHE B 88 2.32 -20.22 21.91
N CYS B 89 2.33 -19.02 21.35
CA CYS B 89 3.59 -18.28 21.23
C CYS B 89 4.17 -17.96 22.60
N ASP B 90 3.31 -17.63 23.57
CA ASP B 90 3.78 -17.37 24.92
C ASP B 90 4.29 -18.62 25.60
N ALA B 91 3.67 -19.77 25.33
CA ALA B 91 4.07 -21.00 26.03
C ALA B 91 5.45 -21.49 25.59
N PHE B 92 5.91 -21.09 24.41
CA PHE B 92 7.15 -21.61 23.85
C PHE B 92 8.17 -20.51 23.58
N ASN B 93 8.08 -19.41 24.34
CA ASN B 93 9.12 -18.38 24.38
C ASN B 93 9.32 -17.69 23.03
N ILE B 94 8.27 -17.59 22.23
CA ILE B 94 8.34 -16.92 20.93
C ILE B 94 7.84 -15.49 21.09
N PRO B 95 8.64 -14.48 20.73
CA PRO B 95 8.20 -13.09 20.89
C PRO B 95 7.02 -12.77 19.98
N LEU B 96 6.29 -11.74 20.35
CA LEU B 96 5.08 -11.34 19.67
C LEU B 96 5.19 -9.92 19.13
N ILE B 97 4.73 -9.73 17.90
CA ILE B 97 4.66 -8.42 17.26
C ILE B 97 3.22 -8.17 16.86
N THR B 98 2.69 -7.02 17.24
CA THR B 98 1.29 -6.68 17.01
C THR B 98 1.20 -5.41 16.17
N PHE B 99 0.30 -5.42 15.20
CA PHE B 99 -0.03 -4.24 14.40
C PHE B 99 -1.50 -3.92 14.66
N VAL B 100 -1.77 -2.73 15.20
CA VAL B 100 -3.09 -2.38 15.71
C VAL B 100 -3.74 -1.37 14.79
N ASP B 101 -4.87 -1.75 14.21
CA ASP B 101 -5.74 -0.83 13.47
C ASP B 101 -7.20 -1.16 13.74
N VAL B 102 -7.54 -1.43 15.00
CA VAL B 102 -8.86 -1.94 15.36
C VAL B 102 -9.78 -0.76 15.64
N PRO B 103 -10.93 -0.67 14.97
CA PRO B 103 -11.87 0.42 15.29
C PRO B 103 -12.88 0.07 16.37
N GLY B 104 -12.90 -1.16 16.85
CA GLY B 104 -13.84 -1.53 17.91
C GLY B 104 -14.23 -2.99 17.78
N PHE B 105 -15.40 -3.31 18.32
CA PHE B 105 -15.98 -4.64 18.24
C PHE B 105 -17.21 -4.60 17.36
N LEU B 106 -17.45 -5.69 16.66
CA LEU B 106 -18.54 -5.74 15.70
C LEU B 106 -19.87 -5.75 16.43
N PRO B 107 -20.76 -4.79 16.18
CA PRO B 107 -22.03 -4.74 16.91
C PRO B 107 -23.10 -5.59 16.25
N GLY B 108 -24.11 -5.91 17.04
CA GLY B 108 -25.23 -6.70 16.56
C GLY B 108 -25.76 -7.58 17.66
N THR B 109 -26.91 -8.19 17.38
CA THR B 109 -27.51 -9.12 18.34
C THR B 109 -26.96 -10.53 18.20
N ALA B 110 -26.47 -10.91 17.02
CA ALA B 110 -25.85 -12.22 16.85
C ALA B 110 -24.57 -12.32 17.68
N GLN B 111 -23.77 -11.25 17.70
CA GLN B 111 -22.55 -11.26 18.49
C GLN B 111 -22.86 -11.35 19.98
N GLU B 112 -23.87 -10.61 20.44
CA GLU B 112 -24.24 -10.67 21.86
C GLU B 112 -24.77 -12.05 22.23
N TYR B 113 -25.62 -12.62 21.38
CA TYR B 113 -26.20 -13.92 21.69
C TYR B 113 -25.17 -15.04 21.59
N GLY B 114 -24.13 -14.84 20.78
CA GLY B 114 -23.06 -15.83 20.69
C GLY B 114 -22.04 -15.75 21.79
N GLY B 115 -22.11 -14.72 22.63
CA GLY B 115 -21.16 -14.58 23.71
C GLY B 115 -19.90 -13.84 23.32
N ILE B 116 -20.05 -12.66 22.72
CA ILE B 116 -18.89 -11.86 22.32
C ILE B 116 -18.07 -11.49 23.55
N ILE B 117 -18.72 -11.37 24.71
CA ILE B 117 -18.02 -10.97 25.92
C ILE B 117 -16.98 -12.02 26.30
N ARG B 118 -17.36 -13.29 26.26
CA ARG B 118 -16.45 -14.36 26.65
C ARG B 118 -15.23 -14.43 25.74
N HIS B 119 -15.43 -14.31 24.44
CA HIS B 119 -14.31 -14.45 23.51
C HIS B 119 -13.43 -13.21 23.48
N GLY B 120 -14.03 -12.03 23.62
CA GLY B 120 -13.23 -10.84 23.85
C GLY B 120 -12.38 -10.97 25.10
N ALA B 121 -12.96 -11.52 26.17
CA ALA B 121 -12.19 -11.76 27.38
C ALA B 121 -11.07 -12.77 27.14
N LYS B 122 -11.32 -13.75 26.27
CA LYS B 122 -10.24 -14.67 25.89
C LYS B 122 -9.07 -13.92 25.28
N LEU B 123 -9.36 -12.99 24.36
CA LEU B 123 -8.27 -12.24 23.75
C LEU B 123 -7.55 -11.34 24.76
N LEU B 124 -8.31 -10.66 25.62
CA LEU B 124 -7.70 -9.87 26.69
C LEU B 124 -6.78 -10.72 27.55
N TYR B 125 -7.26 -11.89 27.98
CA TYR B 125 -6.44 -12.76 28.81
C TYR B 125 -5.18 -13.20 28.07
N ALA B 126 -5.32 -13.57 26.79
CA ALA B 126 -4.18 -14.05 26.04
C ALA B 126 -3.11 -12.98 25.94
N PHE B 127 -3.50 -11.72 25.72
CA PHE B 127 -2.49 -10.67 25.62
C PHE B 127 -1.92 -10.29 26.98
N ALA B 128 -2.75 -10.28 28.03
CA ALA B 128 -2.28 -9.82 29.33
C ALA B 128 -1.41 -10.86 30.02
N GLU B 129 -1.67 -12.14 29.80
CA GLU B 129 -0.95 -13.21 30.48
C GLU B 129 0.46 -13.39 29.95
N ALA B 130 0.69 -13.08 28.67
CA ALA B 130 1.95 -13.39 28.03
C ALA B 130 3.13 -12.74 28.74
N THR B 131 4.17 -13.51 28.96
CA THR B 131 5.40 -13.03 29.58
C THR B 131 6.57 -12.96 28.62
N VAL B 132 6.36 -13.29 27.35
CA VAL B 132 7.38 -13.19 26.33
C VAL B 132 7.50 -11.72 25.93
N PRO B 133 8.61 -11.28 25.34
CA PRO B 133 8.67 -9.90 24.85
C PRO B 133 7.60 -9.66 23.78
N LYS B 134 6.97 -8.49 23.84
CA LYS B 134 5.92 -8.13 22.90
C LYS B 134 6.11 -6.69 22.47
N VAL B 135 6.01 -6.45 21.16
CA VAL B 135 6.19 -5.13 20.58
C VAL B 135 4.94 -4.78 19.80
N THR B 136 4.36 -3.61 20.09
CA THR B 136 3.12 -3.18 19.50
C THR B 136 3.34 -1.93 18.68
N VAL B 137 2.77 -1.90 17.47
CA VAL B 137 2.83 -0.75 16.58
C VAL B 137 1.40 -0.39 16.18
N ILE B 138 1.00 0.84 16.44
CA ILE B 138 -0.34 1.32 16.09
C ILE B 138 -0.24 2.05 14.77
N THR B 139 -0.90 1.52 13.74
CA THR B 139 -0.81 2.12 12.42
C THR B 139 -1.78 3.29 12.26
N ARG B 140 -3.09 3.02 12.36
CA ARG B 140 -4.07 4.08 12.19
C ARG B 140 -4.98 4.28 13.40
N LYS B 141 -5.69 3.24 13.86
CA LYS B 141 -6.81 3.43 14.75
C LYS B 141 -6.75 2.49 15.95
N ALA B 142 -7.29 2.99 17.07
CA ALA B 142 -7.48 2.19 18.27
C ALA B 142 -8.59 2.86 19.07
N TYR B 143 -9.81 2.31 19.01
CA TYR B 143 -10.98 2.93 19.60
C TYR B 143 -11.46 2.13 20.81
N GLY B 144 -11.71 2.82 21.91
CA GLY B 144 -12.39 2.24 23.05
C GLY B 144 -11.61 1.10 23.68
N GLY B 145 -12.37 0.22 24.34
CA GLY B 145 -11.77 -0.93 24.99
C GLY B 145 -11.04 -1.85 24.04
N ALA B 146 -11.33 -1.77 22.74
CA ALA B 146 -10.57 -2.53 21.76
C ALA B 146 -9.09 -2.18 21.80
N TYR B 147 -8.78 -0.89 22.03
CA TYR B 147 -7.38 -0.51 22.22
C TYR B 147 -6.78 -1.19 23.44
N ASP B 148 -7.59 -1.40 24.47
CA ASP B 148 -7.11 -2.17 25.62
C ASP B 148 -6.87 -3.63 25.26
N VAL B 149 -7.61 -4.15 24.28
CA VAL B 149 -7.55 -5.58 23.96
C VAL B 149 -6.17 -5.95 23.44
N MET B 150 -5.67 -5.23 22.46
CA MET B 150 -4.48 -5.66 21.72
C MET B 150 -3.20 -5.13 22.34
N SER B 151 -2.97 -5.49 23.60
CA SER B 151 -1.72 -5.28 24.30
C SER B 151 -1.36 -3.78 24.35
N SER B 152 -2.20 -3.04 25.06
CA SER B 152 -1.85 -1.67 25.39
C SER B 152 -0.62 -1.65 26.30
N LYS B 153 -0.09 -0.45 26.54
CA LYS B 153 1.05 -0.33 27.44
C LYS B 153 0.73 -0.85 28.83
N HIS B 154 -0.53 -0.74 29.25
CA HIS B 154 -0.92 -1.11 30.60
C HIS B 154 -1.06 -2.61 30.80
N LEU B 155 -1.03 -3.40 29.73
CA LEU B 155 -1.00 -4.85 29.82
C LEU B 155 0.42 -5.40 29.79
N CYS B 156 1.38 -4.64 30.32
CA CYS B 156 2.79 -5.01 30.34
C CYS B 156 3.38 -5.10 28.93
N GLY B 157 2.80 -4.36 27.99
CA GLY B 157 3.39 -4.23 26.67
C GLY B 157 4.75 -3.58 26.77
N ASP B 158 5.79 -4.28 26.30
CA ASP B 158 7.16 -3.84 26.56
C ASP B 158 7.47 -2.53 25.85
N THR B 159 7.20 -2.46 24.55
CA THR B 159 7.44 -1.25 23.78
C THR B 159 6.27 -1.03 22.83
N ASN B 160 5.74 0.18 22.82
CA ASN B 160 4.63 0.55 21.94
C ASN B 160 5.04 1.76 21.11
N TYR B 161 4.70 1.70 19.82
CA TYR B 161 5.02 2.77 18.89
C TYR B 161 3.75 3.19 18.15
N ALA B 162 3.80 4.37 17.57
CA ALA B 162 2.68 4.89 16.80
C ALA B 162 3.21 5.58 15.56
N TRP B 163 2.62 5.28 14.42
CA TRP B 163 2.92 5.97 13.19
C TRP B 163 2.27 7.35 13.19
N PRO B 164 2.73 8.27 12.35
CA PRO B 164 2.12 9.62 12.33
C PRO B 164 0.64 9.62 11.97
N THR B 165 0.12 8.55 11.37
CA THR B 165 -1.30 8.45 11.09
C THR B 165 -2.08 7.75 12.20
N ALA B 166 -1.40 7.28 13.25
CA ALA B 166 -2.09 6.62 14.35
C ALA B 166 -2.98 7.60 15.08
N GLU B 167 -4.08 7.09 15.62
CA GLU B 167 -5.07 7.93 16.28
C GLU B 167 -5.77 7.09 17.35
N ILE B 168 -5.49 7.39 18.61
CA ILE B 168 -6.03 6.64 19.75
C ILE B 168 -7.01 7.54 20.48
N ALA B 169 -8.23 7.05 20.65
CA ALA B 169 -9.27 7.79 21.37
C ALA B 169 -10.32 6.81 21.85
N VAL B 170 -11.15 7.26 22.78
CA VAL B 170 -12.24 6.43 23.28
C VAL B 170 -13.25 6.17 22.18
N MET B 171 -13.92 7.22 21.70
CA MET B 171 -14.86 7.14 20.61
C MET B 171 -14.30 7.89 19.41
N GLY B 172 -14.97 7.73 18.27
CA GLY B 172 -14.56 8.40 17.06
C GLY B 172 -14.86 9.89 17.08
N PHE B 198 -8.00 15.46 19.93
CA PHE B 198 -8.00 14.03 20.25
C PHE B 198 -8.05 13.19 18.98
N ALA B 199 -7.80 13.84 17.84
CA ALA B 199 -7.68 13.16 16.55
C ALA B 199 -6.24 12.85 16.19
N ASN B 200 -5.33 12.98 17.14
CA ASN B 200 -3.91 12.72 16.99
C ASN B 200 -3.42 11.91 18.19
N PRO B 201 -2.28 11.22 18.06
CA PRO B 201 -1.78 10.38 19.16
C PRO B 201 -1.15 11.16 20.31
N PHE B 202 -1.15 12.49 20.27
CA PHE B 202 -0.52 13.26 21.34
C PHE B 202 -1.13 13.01 22.73
N PRO B 203 -2.45 12.88 22.91
CA PRO B 203 -2.95 12.49 24.23
C PRO B 203 -2.36 11.18 24.73
N ALA B 204 -2.09 10.24 23.83
CA ALA B 204 -1.43 9.00 24.23
C ALA B 204 0.04 9.23 24.55
N ALA B 205 0.71 10.11 23.79
CA ALA B 205 2.14 10.33 23.99
C ALA B 205 2.42 11.05 25.30
N VAL B 206 1.61 12.07 25.62
CA VAL B 206 1.88 12.85 26.83
C VAL B 206 1.64 12.03 28.09
N ARG B 207 0.74 11.04 28.03
CA ARG B 207 0.45 10.20 29.17
C ARG B 207 1.26 8.91 29.17
N GLY B 208 2.22 8.77 28.26
CA GLY B 208 3.05 7.59 28.23
C GLY B 208 2.40 6.35 27.65
N PHE B 209 1.31 6.50 26.91
CA PHE B 209 0.66 5.34 26.31
C PHE B 209 1.48 4.77 25.17
N VAL B 210 2.26 5.61 24.48
CA VAL B 210 3.15 5.17 23.42
C VAL B 210 4.55 5.69 23.73
N ASP B 211 5.55 4.83 23.58
CA ASP B 211 6.92 5.22 23.88
C ASP B 211 7.41 6.32 22.96
N ASP B 212 7.08 6.23 21.67
CA ASP B 212 7.56 7.21 20.70
C ASP B 212 6.67 7.16 19.47
N ILE B 213 6.73 8.23 18.68
CA ILE B 213 6.10 8.28 17.37
C ILE B 213 7.21 8.14 16.34
N ILE B 214 7.23 7.01 15.65
CA ILE B 214 8.32 6.67 14.76
C ILE B 214 7.89 6.87 13.32
N GLN B 215 8.87 7.10 12.46
CA GLN B 215 8.61 7.11 11.03
C GLN B 215 8.31 5.70 10.55
N PRO B 216 7.38 5.52 9.62
CA PRO B 216 7.06 4.18 9.14
C PRO B 216 8.25 3.45 8.53
N SER B 217 9.21 4.17 7.94
CA SER B 217 10.32 3.54 7.27
C SER B 217 11.35 2.95 8.24
N SER B 218 11.37 3.39 9.48
CA SER B 218 12.31 2.87 10.47
C SER B 218 11.76 1.69 11.25
N THR B 219 10.48 1.36 11.07
CA THR B 219 9.76 0.37 11.87
C THR B 219 10.61 -0.88 12.10
N ARG B 220 10.94 -1.58 11.01
CA ARG B 220 11.68 -2.84 11.12
C ARG B 220 12.91 -2.66 11.99
N ALA B 221 13.72 -1.65 11.68
CA ALA B 221 14.94 -1.43 12.44
C ALA B 221 14.63 -1.32 13.92
N ARG B 222 13.69 -0.44 14.27
CA ARG B 222 13.32 -0.28 15.68
C ARG B 222 12.98 -1.62 16.29
N ILE B 223 12.11 -2.38 15.63
CA ILE B 223 11.66 -3.65 16.20
C ILE B 223 12.85 -4.54 16.48
N CYS B 224 13.77 -4.63 15.52
CA CYS B 224 14.93 -5.50 15.70
C CYS B 224 15.69 -5.11 16.95
N CYS B 225 15.96 -3.81 17.11
CA CYS B 225 16.68 -3.36 18.30
C CYS B 225 15.96 -3.79 19.56
N ASP B 226 14.63 -3.61 19.59
CA ASP B 226 13.88 -4.01 20.78
C ASP B 226 14.01 -5.51 21.01
N LEU B 227 13.92 -6.31 19.96
CA LEU B 227 14.04 -7.75 20.13
C LEU B 227 15.42 -8.15 20.61
N ASP B 228 16.43 -7.30 20.37
CA ASP B 228 17.75 -7.59 20.91
C ASP B 228 17.82 -7.28 22.39
N VAL B 229 17.08 -6.28 22.84
CA VAL B 229 17.14 -5.87 24.24
C VAL B 229 16.30 -6.81 25.10
N LEU B 230 15.10 -7.15 24.65
CA LEU B 230 14.13 -7.86 25.46
C LEU B 230 14.34 -9.37 25.49
N ALA B 231 15.40 -9.87 24.85
CA ALA B 231 15.63 -11.31 24.83
C ALA B 231 15.91 -11.88 26.22
N SER B 232 16.32 -11.05 27.17
CA SER B 232 16.64 -11.48 28.53
C SER B 232 15.55 -11.09 29.52
N LYS B 233 14.33 -10.89 29.05
CA LYS B 233 13.25 -10.43 29.91
C LYS B 233 12.73 -11.56 30.79
N LYS B 234 12.72 -11.34 32.10
CA LYS B 234 12.13 -12.25 33.07
C LYS B 234 11.18 -11.47 33.97
N VAL B 235 9.99 -12.02 34.19
CA VAL B 235 9.02 -11.41 35.10
C VAL B 235 8.63 -12.42 36.17
N GLN B 236 8.06 -11.91 37.25
CA GLN B 236 7.70 -12.73 38.40
C GLN B 236 6.21 -12.55 38.68
N ARG B 237 5.50 -13.66 38.83
CA ARG B 237 4.07 -13.68 39.05
C ARG B 237 3.74 -14.62 40.19
N PRO B 238 2.61 -14.41 40.87
CA PRO B 238 2.27 -15.26 42.01
C PRO B 238 2.04 -16.71 41.60
N TRP B 239 2.31 -17.62 42.53
CA TRP B 239 2.20 -19.04 42.26
C TRP B 239 0.74 -19.45 42.11
N ARG B 240 0.51 -20.43 41.24
CA ARG B 240 -0.82 -21.01 41.06
C ARG B 240 -0.67 -22.30 40.28
N LYS B 241 -1.61 -23.23 40.49
CA LYS B 241 -1.64 -24.44 39.68
C LYS B 241 -1.90 -24.11 38.22
N HIS B 242 -2.94 -23.31 37.97
CA HIS B 242 -3.25 -22.77 36.67
C HIS B 242 -4.33 -21.72 36.88
N ALA B 243 -4.47 -20.82 35.92
CA ALA B 243 -5.48 -19.78 36.02
C ALA B 243 -6.78 -20.26 35.37
N ASN B 244 -7.72 -19.34 35.23
CA ASN B 244 -9.07 -19.65 34.77
C ASN B 244 -9.36 -18.86 33.50
N ILE B 245 -8.99 -19.43 32.37
CA ILE B 245 -9.34 -18.85 31.07
C ILE B 245 -10.85 -18.79 30.93
N PRO B 246 -11.42 -17.73 30.36
CA PRO B 246 -12.87 -17.74 30.11
C PRO B 246 -13.26 -18.64 28.95
N LEU B 247 -12.90 -19.93 29.05
CA LEU B 247 -13.15 -20.86 27.95
C LEU B 247 -14.64 -21.18 27.84
N ALA C 32 -9.23 29.53 65.69
CA ALA C 32 -10.12 28.45 65.31
C ALA C 32 -9.59 27.71 64.09
N THR C 33 -9.62 26.38 64.15
CA THR C 33 -9.16 25.54 63.06
C THR C 33 -10.34 24.93 62.33
N SER C 34 -10.35 25.05 61.00
CA SER C 34 -11.42 24.53 60.18
C SER C 34 -11.19 23.09 59.73
N VAL C 35 -10.10 22.47 60.18
CA VAL C 35 -9.79 21.11 59.75
C VAL C 35 -10.85 20.13 60.23
N ASN C 36 -11.30 20.27 61.48
CA ASN C 36 -12.28 19.33 62.03
C ASN C 36 -13.63 19.46 61.31
N GLU C 37 -14.10 20.69 61.11
CA GLU C 37 -15.37 20.87 60.42
C GLU C 37 -15.27 20.46 58.95
N ARG C 38 -14.12 20.69 58.31
CA ARG C 38 -13.92 20.22 56.95
C ARG C 38 -13.97 18.71 56.88
N ILE C 39 -13.34 18.02 57.84
CA ILE C 39 -13.37 16.56 57.87
C ILE C 39 -14.79 16.06 58.07
N GLU C 40 -15.54 16.69 59.00
CA GLU C 40 -16.92 16.27 59.23
C GLU C 40 -17.77 16.48 57.98
N ASN C 41 -17.60 17.61 57.29
CA ASN C 41 -18.35 17.86 56.06
C ASN C 41 -17.98 16.85 54.99
N LYS C 42 -16.70 16.52 54.86
CA LYS C 42 -16.28 15.52 53.89
C LYS C 42 -16.89 14.17 54.18
N ARG C 43 -16.90 13.76 55.45
CA ARG C 43 -17.49 12.48 55.82
C ARG C 43 -18.99 12.47 55.53
N ARG C 44 -19.70 13.55 55.87
CA ARG C 44 -21.13 13.59 55.62
C ARG C 44 -21.44 13.61 54.13
N THR C 45 -20.60 14.27 53.33
CA THR C 45 -20.82 14.27 51.88
C THR C 45 -20.55 12.89 51.30
N ALA C 46 -19.51 12.20 51.80
CA ALA C 46 -19.22 10.85 51.31
C ALA C 46 -20.35 9.89 51.66
N LEU C 47 -20.88 9.99 52.88
CA LEU C 47 -21.98 9.09 53.27
C LEU C 47 -23.25 9.40 52.51
N LEU C 48 -23.64 10.68 52.44
CA LEU C 48 -24.87 11.03 51.73
C LEU C 48 -24.70 10.96 50.21
N GLY C 49 -23.46 10.99 49.72
CA GLY C 49 -23.21 10.89 48.30
C GLY C 49 -23.67 12.11 47.53
N GLY C 50 -24.61 11.92 46.61
CA GLY C 50 -25.15 12.99 45.80
C GLY C 50 -26.32 13.74 46.40
N GLY C 51 -26.72 13.42 47.63
CA GLY C 51 -27.82 14.11 48.25
C GLY C 51 -29.01 13.19 48.47
N GLN C 52 -29.99 13.70 49.22
CA GLN C 52 -31.19 12.92 49.51
C GLN C 52 -32.01 12.65 48.26
N ARG C 53 -32.05 13.61 47.33
CA ARG C 53 -32.83 13.42 46.11
C ARG C 53 -32.29 12.26 45.27
N ARG C 54 -30.96 12.13 45.20
CA ARG C 54 -30.38 11.08 44.38
C ARG C 54 -30.63 9.69 44.97
N ILE C 55 -30.46 9.55 46.29
CA ILE C 55 -30.75 8.27 46.93
C ILE C 55 -32.23 7.93 46.81
N ASP C 56 -33.10 8.94 46.94
CA ASP C 56 -34.53 8.68 46.79
C ASP C 56 -34.85 8.22 45.36
N ALA C 57 -34.27 8.88 44.36
CA ALA C 57 -34.49 8.46 42.98
C ALA C 57 -33.98 7.04 42.75
N GLN C 58 -32.84 6.71 43.35
CA GLN C 58 -32.34 5.33 43.31
C GLN C 58 -33.35 4.38 43.94
N HIS C 59 -34.04 4.84 44.99
CA HIS C 59 -34.98 3.98 45.69
C HIS C 59 -36.25 3.73 44.89
N LYS C 60 -36.76 4.74 44.16
CA LYS C 60 -37.93 4.44 43.30
C LYS C 60 -37.59 3.50 42.16
N ARG C 61 -36.31 3.35 41.81
CA ARG C 61 -35.99 2.33 40.81
C ARG C 61 -35.89 0.93 41.41
N GLY C 62 -36.15 0.77 42.70
CA GLY C 62 -36.10 -0.53 43.33
C GLY C 62 -34.71 -1.06 43.59
N LYS C 63 -33.70 -0.19 43.64
CA LYS C 63 -32.33 -0.59 43.85
C LYS C 63 -31.76 0.18 45.03
N LEU C 64 -30.78 -0.42 45.71
CA LEU C 64 -30.14 0.20 46.85
C LEU C 64 -28.95 1.05 46.39
N THR C 65 -28.18 1.53 47.34
CA THR C 65 -26.95 2.26 47.07
C THR C 65 -25.75 1.38 47.37
N ALA C 66 -24.56 1.92 47.05
CA ALA C 66 -23.34 1.14 47.23
C ALA C 66 -23.11 0.79 48.70
N ARG C 67 -23.32 1.77 49.58
CA ARG C 67 -23.05 1.54 50.99
C ARG C 67 -24.09 0.60 51.61
N GLU C 68 -25.35 0.71 51.17
CA GLU C 68 -26.38 -0.21 51.66
C GLU C 68 -26.08 -1.64 51.20
N ARG C 69 -25.65 -1.80 49.94
CA ARG C 69 -25.29 -3.12 49.46
C ARG C 69 -24.11 -3.69 50.24
N ILE C 70 -23.11 -2.86 50.53
CA ILE C 70 -21.97 -3.32 51.32
C ILE C 70 -22.42 -3.73 52.72
N SER C 71 -23.29 -2.94 53.33
CA SER C 71 -23.77 -3.26 54.68
C SER C 71 -24.54 -4.56 54.69
N LEU C 72 -25.38 -4.80 53.68
CA LEU C 72 -26.13 -6.05 53.61
C LEU C 72 -25.21 -7.24 53.37
N LEU C 73 -24.19 -7.06 52.52
CA LEU C 73 -23.34 -8.19 52.14
C LEU C 73 -22.44 -8.63 53.29
N LEU C 74 -21.85 -7.68 54.02
CA LEU C 74 -20.85 -8.01 55.02
C LEU C 74 -21.48 -8.23 56.39
N ASP C 75 -20.67 -8.76 57.30
CA ASP C 75 -21.11 -8.94 58.67
C ASP C 75 -21.34 -7.56 59.32
N PRO C 76 -22.26 -7.47 60.28
CA PRO C 76 -22.52 -6.18 60.92
C PRO C 76 -21.31 -5.69 61.69
N GLY C 77 -20.94 -4.43 61.44
CA GLY C 77 -19.81 -3.82 62.11
C GLY C 77 -18.47 -4.43 61.79
N SER C 78 -18.26 -4.82 60.53
CA SER C 78 -16.98 -5.40 60.11
C SER C 78 -16.39 -4.71 58.89
N PHE C 79 -17.08 -3.73 58.30
CA PHE C 79 -16.59 -3.07 57.10
C PHE C 79 -15.56 -2.00 57.47
N VAL C 80 -14.42 -2.04 56.80
CA VAL C 80 -13.38 -1.04 56.94
C VAL C 80 -13.11 -0.47 55.56
N GLU C 81 -13.40 0.82 55.38
CA GLU C 81 -13.30 1.50 54.10
C GLU C 81 -11.90 2.05 53.89
N SER C 82 -11.51 2.15 52.62
CA SER C 82 -10.19 2.66 52.26
C SER C 82 -10.33 3.80 51.26
N ASP C 83 -9.47 4.80 51.42
CA ASP C 83 -9.40 5.96 50.52
C ASP C 83 -10.76 6.68 50.42
N MET C 84 -11.42 6.88 51.55
CA MET C 84 -12.70 7.58 51.55
C MET C 84 -12.54 9.08 51.30
N PHE C 85 -11.34 9.63 51.50
CA PHE C 85 -11.10 11.05 51.29
C PHE C 85 -10.45 11.36 49.95
N VAL C 86 -10.19 10.35 49.13
CA VAL C 86 -9.59 10.57 47.81
C VAL C 86 -10.66 11.14 46.88
N GLU C 87 -10.31 12.21 46.17
CA GLU C 87 -11.21 12.87 45.24
C GLU C 87 -10.68 12.72 43.82
N HIS C 88 -11.52 13.12 42.87
CA HIS C 88 -11.17 13.05 41.45
C HIS C 88 -10.24 14.19 41.06
N PHE C 102 -14.91 16.12 44.50
CA PHE C 102 -16.00 15.32 45.05
C PHE C 102 -15.46 14.08 45.74
N PRO C 103 -15.75 13.94 47.03
CA PRO C 103 -15.29 12.76 47.78
C PRO C 103 -16.01 11.50 47.35
N GLY C 104 -15.35 10.37 47.58
CA GLY C 104 -15.89 9.06 47.23
C GLY C 104 -15.50 8.57 45.86
N ASP C 105 -15.55 9.46 44.86
CA ASP C 105 -15.18 9.14 43.48
C ASP C 105 -16.06 8.02 42.91
N SER C 106 -17.31 7.93 43.38
CA SER C 106 -18.33 7.04 42.85
C SER C 106 -17.99 5.56 43.01
N VAL C 107 -17.04 5.22 43.88
CA VAL C 107 -16.75 3.82 44.20
C VAL C 107 -16.41 3.73 45.68
N VAL C 108 -16.94 2.70 46.34
CA VAL C 108 -16.69 2.44 47.74
C VAL C 108 -15.89 1.15 47.85
N THR C 109 -14.67 1.25 48.34
CA THR C 109 -13.77 0.11 48.41
C THR C 109 -13.36 -0.15 49.86
N GLY C 110 -13.21 -1.42 50.20
CA GLY C 110 -12.78 -1.75 51.54
C GLY C 110 -12.68 -3.23 51.74
N ARG C 111 -12.54 -3.60 53.01
CA ARG C 111 -12.43 -4.99 53.42
C ARG C 111 -13.45 -5.29 54.51
N GLY C 112 -13.91 -6.52 54.55
CA GLY C 112 -14.87 -6.93 55.55
C GLY C 112 -14.78 -8.41 55.83
N ARG C 113 -15.75 -8.95 56.56
CA ARG C 113 -15.77 -10.36 56.89
C ARG C 113 -17.16 -10.94 56.64
N ILE C 114 -17.19 -12.12 56.04
CA ILE C 114 -18.42 -12.88 55.85
C ILE C 114 -18.29 -14.15 56.68
N ASN C 115 -19.19 -14.31 57.66
CA ASN C 115 -19.15 -15.44 58.59
C ASN C 115 -17.78 -15.61 59.22
N GLY C 116 -17.09 -14.49 59.43
CA GLY C 116 -15.79 -14.50 60.07
C GLY C 116 -14.60 -14.63 59.13
N ARG C 117 -14.82 -14.79 57.83
CA ARG C 117 -13.73 -14.95 56.88
C ARG C 117 -13.52 -13.67 56.08
N LEU C 118 -12.26 -13.30 55.91
CA LEU C 118 -11.90 -12.02 55.31
C LEU C 118 -12.25 -11.98 53.82
N VAL C 119 -12.64 -10.79 53.36
CA VAL C 119 -12.97 -10.59 51.95
C VAL C 119 -12.74 -9.10 51.63
N TYR C 120 -12.46 -8.82 50.37
CA TYR C 120 -12.28 -7.45 49.89
C TYR C 120 -13.37 -7.12 48.89
N VAL C 121 -13.98 -5.94 49.03
CA VAL C 121 -15.12 -5.58 48.23
C VAL C 121 -14.94 -4.18 47.64
N PHE C 122 -15.57 -3.98 46.48
CA PHE C 122 -15.78 -2.65 45.92
C PHE C 122 -17.20 -2.59 45.36
N SER C 123 -17.80 -1.42 45.47
CA SER C 123 -19.17 -1.20 45.03
C SER C 123 -19.23 0.09 44.23
N GLN C 124 -19.90 0.06 43.09
CA GLN C 124 -19.97 1.20 42.18
C GLN C 124 -21.31 1.90 42.33
N ASP C 125 -21.27 3.23 42.42
CA ASP C 125 -22.48 4.07 42.44
C ASP C 125 -22.20 5.32 41.62
N PHE C 126 -22.54 5.27 40.34
CA PHE C 126 -22.30 6.39 39.43
C PHE C 126 -23.51 7.28 39.26
N THR C 127 -24.67 6.90 39.81
CA THR C 127 -25.86 7.73 39.68
C THR C 127 -25.71 9.05 40.42
N VAL C 128 -24.92 9.07 41.50
CA VAL C 128 -24.76 10.29 42.29
C VAL C 128 -24.01 11.36 41.51
N PHE C 129 -22.88 11.00 40.92
CA PHE C 129 -22.04 11.95 40.19
C PHE C 129 -20.93 11.17 39.49
N GLY C 130 -19.98 11.90 38.90
CA GLY C 130 -18.81 11.31 38.29
C GLY C 130 -19.02 10.86 36.86
N GLY C 131 -19.70 9.73 36.68
CA GLY C 131 -19.98 9.22 35.35
C GLY C 131 -18.74 8.95 34.52
N SER C 132 -17.69 8.40 35.12
CA SER C 132 -16.45 8.14 34.40
C SER C 132 -15.64 7.11 35.19
N LEU C 133 -15.34 5.98 34.56
CA LEU C 133 -14.49 4.97 35.19
C LEU C 133 -13.03 5.23 34.84
N SER C 134 -12.57 6.45 35.07
CA SER C 134 -11.29 6.92 34.53
C SER C 134 -10.28 7.28 35.60
N GLY C 135 -10.65 8.13 36.56
CA GLY C 135 -9.65 8.71 37.44
C GLY C 135 -9.36 7.86 38.65
N ALA C 136 -9.65 8.40 39.85
CA ALA C 136 -9.35 7.69 41.07
C ALA C 136 -10.22 6.44 41.24
N HIS C 137 -11.28 6.31 40.45
CA HIS C 137 -12.10 5.10 40.51
C HIS C 137 -11.28 3.86 40.19
N ALA C 138 -10.59 3.87 39.05
CA ALA C 138 -9.77 2.74 38.66
C ALA C 138 -8.60 2.55 39.61
N GLN C 139 -8.02 3.65 40.08
CA GLN C 139 -6.89 3.53 41.01
C GLN C 139 -7.33 2.87 42.32
N LYS C 140 -8.49 3.26 42.84
CA LYS C 140 -9.00 2.64 44.06
C LYS C 140 -9.27 1.15 43.86
N ILE C 141 -9.88 0.80 42.73
CA ILE C 141 -10.15 -0.62 42.47
C ILE C 141 -8.85 -1.40 42.36
N CYS C 142 -7.86 -0.84 41.64
CA CYS C 142 -6.59 -1.52 41.47
C CYS C 142 -5.89 -1.70 42.82
N LYS C 143 -5.92 -0.67 43.66
CA LYS C 143 -5.28 -0.80 44.97
C LYS C 143 -5.97 -1.84 45.84
N ILE C 144 -7.31 -1.91 45.79
CA ILE C 144 -7.99 -2.89 46.63
C ILE C 144 -7.68 -4.31 46.16
N MET C 145 -7.61 -4.52 44.84
CA MET C 145 -7.16 -5.83 44.35
C MET C 145 -5.72 -6.12 44.74
N ASP C 146 -4.86 -5.10 44.74
CA ASP C 146 -3.48 -5.33 45.14
C ASP C 146 -3.39 -5.78 46.59
N GLN C 147 -4.14 -5.13 47.48
CA GLN C 147 -4.16 -5.58 48.88
C GLN C 147 -4.71 -6.99 49.00
N ALA C 148 -5.79 -7.30 48.26
CA ALA C 148 -6.37 -8.63 48.34
C ALA C 148 -5.38 -9.70 47.88
N ILE C 149 -4.66 -9.44 46.79
CA ILE C 149 -3.72 -10.44 46.29
C ILE C 149 -2.51 -10.54 47.21
N THR C 150 -2.12 -9.44 47.88
CA THR C 150 -1.03 -9.53 48.84
C THR C 150 -1.42 -10.38 50.04
N VAL C 151 -2.57 -10.10 50.64
CA VAL C 151 -3.00 -10.88 51.81
C VAL C 151 -3.42 -12.28 51.41
N GLY C 152 -4.15 -12.41 50.29
CA GLY C 152 -4.65 -13.69 49.88
C GLY C 152 -6.10 -13.94 50.26
N ALA C 153 -6.96 -12.98 49.92
CA ALA C 153 -8.39 -13.05 50.20
C ALA C 153 -9.19 -12.80 48.93
N PRO C 154 -10.40 -13.32 48.85
CA PRO C 154 -11.20 -13.15 47.62
C PRO C 154 -11.65 -11.71 47.42
N VAL C 155 -12.01 -11.41 46.18
CA VAL C 155 -12.51 -10.09 45.78
C VAL C 155 -13.94 -10.26 45.28
N ILE C 156 -14.84 -9.42 45.80
CA ILE C 156 -16.23 -9.38 45.37
C ILE C 156 -16.50 -7.99 44.82
N GLY C 157 -16.98 -7.92 43.59
CA GLY C 157 -17.24 -6.64 42.96
C GLY C 157 -18.70 -6.45 42.59
N LEU C 158 -19.33 -5.44 43.17
CA LEU C 158 -20.71 -5.10 42.86
C LEU C 158 -20.70 -4.06 41.76
N ASN C 159 -20.92 -4.51 40.52
CA ASN C 159 -20.81 -3.65 39.35
C ASN C 159 -22.14 -2.96 39.08
N ASP C 160 -22.11 -1.63 39.02
CA ASP C 160 -23.28 -0.84 38.65
C ASP C 160 -22.75 0.41 37.96
N SER C 161 -22.65 0.34 36.63
CA SER C 161 -22.18 1.50 35.86
C SER C 161 -23.22 2.62 35.89
N GLY C 162 -24.50 2.27 35.88
CA GLY C 162 -25.55 3.26 36.00
C GLY C 162 -25.44 4.34 34.94
N GLY C 163 -25.57 5.59 35.36
CA GLY C 163 -25.38 6.70 34.46
C GLY C 163 -23.93 7.14 34.42
N ALA C 164 -23.18 6.67 33.43
CA ALA C 164 -21.77 6.98 33.28
C ALA C 164 -21.50 7.48 31.88
N GLN C 165 -20.77 8.59 31.77
CA GLN C 165 -20.43 9.15 30.47
C GLN C 165 -19.37 8.29 29.80
N ILE C 166 -19.73 7.67 28.68
CA ILE C 166 -18.81 6.80 27.96
C ILE C 166 -17.96 7.62 27.00
N GLN C 167 -18.16 8.94 27.01
CA GLN C 167 -17.45 9.86 26.14
C GLN C 167 -16.45 10.70 26.92
N GLU C 168 -15.86 10.12 27.98
CA GLU C 168 -14.93 10.84 28.83
C GLU C 168 -13.52 10.72 28.25
N GLY C 169 -12.53 11.11 29.04
CA GLY C 169 -11.16 11.13 28.58
C GLY C 169 -10.56 9.75 28.42
N VAL C 170 -9.33 9.72 27.90
CA VAL C 170 -8.64 8.47 27.64
C VAL C 170 -8.21 7.74 28.91
N GLU C 171 -8.34 8.39 30.07
CA GLU C 171 -7.96 7.75 31.33
C GLU C 171 -8.83 6.52 31.61
N SER C 172 -10.06 6.50 31.09
CA SER C 172 -10.95 5.37 31.32
C SER C 172 -10.39 4.09 30.72
N LEU C 173 -9.87 4.16 29.49
CA LEU C 173 -9.32 2.98 28.86
C LEU C 173 -8.08 2.48 29.59
N ALA C 174 -7.23 3.41 30.05
CA ALA C 174 -6.05 3.02 30.82
C ALA C 174 -6.45 2.34 32.13
N GLY C 175 -7.44 2.89 32.83
CA GLY C 175 -7.90 2.26 34.04
C GLY C 175 -8.49 0.89 33.80
N TYR C 176 -9.26 0.75 32.71
CA TYR C 176 -9.80 -0.55 32.34
C TYR C 176 -8.69 -1.55 32.07
N ALA C 177 -7.64 -1.11 31.37
CA ALA C 177 -6.54 -2.01 31.07
C ALA C 177 -5.82 -2.44 32.35
N ASP C 178 -5.62 -1.51 33.28
CA ASP C 178 -4.99 -1.87 34.55
C ASP C 178 -5.85 -2.87 35.33
N ILE C 179 -7.17 -2.65 35.36
CA ILE C 179 -8.05 -3.58 36.06
C ILE C 179 -8.01 -4.95 35.40
N PHE C 180 -8.01 -4.99 34.07
CA PHE C 180 -7.94 -6.27 33.36
C PHE C 180 -6.64 -6.99 33.69
N LEU C 181 -5.53 -6.25 33.72
CA LEU C 181 -4.25 -6.86 34.05
C LEU C 181 -4.28 -7.45 35.45
N ARG C 182 -4.87 -6.75 36.40
CA ARG C 182 -4.93 -7.29 37.75
C ARG C 182 -5.86 -8.49 37.87
N ASN C 183 -6.98 -8.50 37.13
CA ASN C 183 -7.82 -9.70 37.12
C ASN C 183 -7.07 -10.89 36.53
N VAL C 184 -6.34 -10.68 35.44
CA VAL C 184 -5.60 -11.78 34.84
C VAL C 184 -4.50 -12.26 35.78
N THR C 185 -3.82 -11.34 36.46
CA THR C 185 -2.79 -11.72 37.40
C THR C 185 -3.35 -12.52 38.57
N ALA C 186 -4.50 -12.09 39.10
CA ALA C 186 -5.09 -12.76 40.24
C ALA C 186 -5.85 -14.03 39.88
N SER C 187 -6.04 -14.29 38.58
CA SER C 187 -6.78 -15.47 38.17
C SER C 187 -6.05 -16.73 38.60
N GLY C 188 -6.78 -17.64 39.24
CA GLY C 188 -6.19 -18.85 39.77
C GLY C 188 -5.46 -18.69 41.09
N VAL C 189 -5.31 -17.46 41.57
CA VAL C 189 -4.65 -17.20 42.85
C VAL C 189 -5.66 -16.99 43.96
N ILE C 190 -6.61 -16.07 43.76
CA ILE C 190 -7.69 -15.83 44.70
C ILE C 190 -9.00 -15.88 43.94
N PRO C 191 -10.10 -16.30 44.55
CA PRO C 191 -11.39 -16.27 43.85
C PRO C 191 -11.84 -14.85 43.60
N GLN C 192 -12.52 -14.66 42.47
CA GLN C 192 -13.09 -13.37 42.10
C GLN C 192 -14.55 -13.56 41.74
N ILE C 193 -15.43 -12.76 42.35
CA ILE C 193 -16.86 -12.87 42.12
C ILE C 193 -17.38 -11.50 41.69
N SER C 194 -18.23 -11.49 40.68
CA SER C 194 -18.84 -10.27 40.17
C SER C 194 -20.35 -10.38 40.29
N LEU C 195 -20.97 -9.31 40.78
CA LEU C 195 -22.43 -9.23 40.87
C LEU C 195 -22.85 -7.96 40.14
N ILE C 196 -23.48 -8.13 38.98
CA ILE C 196 -23.93 -7.00 38.19
C ILE C 196 -25.29 -6.57 38.71
N MET C 197 -25.36 -5.36 39.27
CA MET C 197 -26.56 -4.86 39.91
C MET C 197 -27.16 -3.68 39.17
N GLY C 198 -26.63 -3.36 37.99
CA GLY C 198 -27.10 -2.25 37.20
C GLY C 198 -26.65 -2.36 35.76
N PRO C 199 -26.97 -1.34 34.96
CA PRO C 199 -26.60 -1.39 33.54
C PRO C 199 -25.11 -1.16 33.31
N CYS C 200 -24.39 -2.21 32.94
CA CYS C 200 -22.97 -2.14 32.65
C CYS C 200 -22.76 -2.18 31.15
N ALA C 201 -22.06 -1.19 30.61
CA ALA C 201 -21.88 -1.07 29.17
C ALA C 201 -20.46 -0.64 28.86
N GLY C 202 -20.07 -0.83 27.61
CA GLY C 202 -18.75 -0.43 27.16
C GLY C 202 -17.72 -1.50 27.39
N GLY C 203 -16.47 -1.05 27.50
CA GLY C 203 -15.37 -1.98 27.73
C GLY C 203 -15.28 -2.50 29.15
N ALA C 204 -16.11 -1.97 30.06
CA ALA C 204 -16.11 -2.44 31.43
C ALA C 204 -16.70 -3.83 31.59
N VAL C 205 -17.33 -4.38 30.56
CA VAL C 205 -18.01 -5.66 30.66
C VAL C 205 -17.03 -6.81 30.51
N TYR C 206 -15.75 -6.49 30.32
CA TYR C 206 -14.73 -7.52 30.21
C TYR C 206 -14.14 -7.91 31.55
N SER C 207 -14.17 -7.00 32.53
CA SER C 207 -13.72 -7.36 33.87
C SER C 207 -14.58 -8.43 34.52
N PRO C 208 -15.92 -8.36 34.50
CA PRO C 208 -16.71 -9.48 35.03
C PRO C 208 -16.46 -10.78 34.29
N ALA C 209 -16.21 -10.73 32.99
CA ALA C 209 -15.98 -11.96 32.23
C ALA C 209 -14.67 -12.63 32.63
N LEU C 210 -13.68 -11.86 33.08
CA LEU C 210 -12.41 -12.44 33.50
C LEU C 210 -12.46 -12.99 34.91
N THR C 211 -13.50 -12.68 35.68
CA THR C 211 -13.66 -13.23 37.01
C THR C 211 -14.18 -14.66 36.93
N ASP C 212 -14.09 -15.37 38.06
CA ASP C 212 -14.46 -16.78 38.07
C ASP C 212 -15.96 -16.97 37.94
N PHE C 213 -16.75 -16.19 38.68
CA PHE C 213 -18.19 -16.34 38.68
C PHE C 213 -18.85 -14.98 38.48
N THR C 214 -19.98 -14.99 37.77
CA THR C 214 -20.72 -13.77 37.44
C THR C 214 -22.19 -14.00 37.74
N PHE C 215 -22.79 -13.08 38.48
CA PHE C 215 -24.20 -13.15 38.83
C PHE C 215 -24.89 -11.84 38.44
N MET C 216 -26.19 -11.94 38.20
CA MET C 216 -26.97 -10.79 37.74
C MET C 216 -28.25 -10.67 38.55
N VAL C 217 -28.89 -9.51 38.45
CA VAL C 217 -30.16 -9.23 39.10
C VAL C 217 -31.20 -9.00 38.01
N LYS C 218 -32.34 -9.66 38.13
CA LYS C 218 -33.35 -9.61 37.08
C LYS C 218 -33.95 -8.22 36.96
N ASP C 219 -34.18 -7.80 35.72
CA ASP C 219 -34.95 -6.62 35.36
C ASP C 219 -34.25 -5.30 35.67
N THR C 220 -33.08 -5.35 36.32
CA THR C 220 -32.36 -4.14 36.65
C THR C 220 -30.89 -4.16 36.26
N SER C 221 -30.41 -5.24 35.66
CA SER C 221 -29.00 -5.36 35.30
C SER C 221 -28.88 -5.72 33.82
N TYR C 222 -27.84 -5.18 33.17
CA TYR C 222 -27.59 -5.45 31.77
C TYR C 222 -26.09 -5.55 31.53
N LEU C 223 -25.73 -6.36 30.54
CA LEU C 223 -24.34 -6.48 30.09
C LEU C 223 -24.33 -6.46 28.58
N PHE C 224 -23.68 -5.46 27.99
CA PHE C 224 -23.54 -5.36 26.55
C PHE C 224 -22.42 -4.39 26.24
N ILE C 225 -21.74 -4.64 25.12
CA ILE C 225 -20.64 -3.78 24.70
C ILE C 225 -21.15 -2.58 23.92
N THR C 226 -22.14 -2.79 23.07
CA THR C 226 -22.66 -1.75 22.19
C THR C 226 -24.14 -1.55 22.49
N GLY C 227 -24.55 -0.29 22.63
CA GLY C 227 -25.91 0.03 22.99
C GLY C 227 -26.91 -0.28 21.89
N PRO C 228 -28.19 -0.37 22.26
CA PRO C 228 -29.22 -0.66 21.25
C PRO C 228 -29.30 0.38 20.15
N ASP C 229 -29.07 1.65 20.47
CA ASP C 229 -29.13 2.69 19.44
C ASP C 229 -28.03 2.54 18.40
N VAL C 230 -26.81 2.23 18.84
CA VAL C 230 -25.73 2.00 17.88
C VAL C 230 -25.98 0.73 17.07
N VAL C 231 -26.57 -0.29 17.71
CA VAL C 231 -26.92 -1.51 16.99
C VAL C 231 -27.93 -1.20 15.89
N LYS C 232 -28.94 -0.38 16.20
CA LYS C 232 -29.90 0.02 15.17
C LYS C 232 -29.23 0.84 14.08
N SER C 233 -28.29 1.71 14.46
CA SER C 233 -27.59 2.52 13.47
C SER C 233 -26.80 1.66 12.51
N VAL C 234 -26.16 0.60 13.02
CA VAL C 234 -25.28 -0.23 12.20
C VAL C 234 -26.06 -1.39 11.58
N THR C 235 -26.61 -2.26 12.41
CA THR C 235 -27.25 -3.49 11.94
C THR C 235 -28.66 -3.25 11.42
N ASN C 236 -29.30 -2.14 11.80
CA ASN C 236 -30.66 -1.81 11.37
C ASN C 236 -31.65 -2.88 11.82
N GLU C 237 -31.78 -3.02 13.14
CA GLU C 237 -32.80 -3.87 13.73
C GLU C 237 -33.28 -3.23 15.03
N ASP C 238 -34.56 -3.40 15.32
CA ASP C 238 -35.17 -2.82 16.52
C ASP C 238 -35.02 -3.81 17.66
N VAL C 239 -34.16 -3.49 18.63
CA VAL C 239 -33.90 -4.34 19.78
C VAL C 239 -33.93 -3.46 21.03
N THR C 240 -34.59 -3.95 22.07
CA THR C 240 -34.62 -3.22 23.33
C THR C 240 -33.44 -3.63 24.21
N GLN C 241 -33.16 -2.79 25.20
CA GLN C 241 -32.01 -3.02 26.07
C GLN C 241 -32.17 -4.33 26.86
N GLU C 242 -33.37 -4.60 27.34
CA GLU C 242 -33.59 -5.79 28.16
C GLU C 242 -33.33 -7.07 27.37
N GLU C 243 -33.83 -7.15 26.14
CA GLU C 243 -33.60 -8.35 25.34
C GLU C 243 -32.26 -8.34 24.64
N LEU C 244 -31.52 -7.23 24.70
CA LEU C 244 -30.17 -7.22 24.14
C LEU C 244 -29.13 -7.65 25.18
N GLY C 245 -29.30 -7.24 26.43
CA GLY C 245 -28.31 -7.57 27.42
C GLY C 245 -28.85 -7.88 28.80
N GLY C 246 -30.12 -8.22 28.91
CA GLY C 246 -30.72 -8.47 30.20
C GLY C 246 -30.23 -9.75 30.84
N ALA C 247 -30.68 -9.95 32.08
CA ALA C 247 -30.25 -11.11 32.85
C ALA C 247 -30.74 -12.40 32.20
N LYS C 248 -31.98 -12.42 31.70
CA LYS C 248 -32.49 -13.62 31.05
C LYS C 248 -31.69 -13.98 29.82
N THR C 249 -31.31 -12.98 29.02
CA THR C 249 -30.52 -13.24 27.83
C THR C 249 -29.17 -13.84 28.18
N HIS C 250 -28.50 -13.29 29.19
CA HIS C 250 -27.16 -13.75 29.54
C HIS C 250 -27.18 -14.99 30.43
N THR C 251 -28.35 -15.43 30.90
CA THR C 251 -28.44 -16.63 31.70
C THR C 251 -29.11 -17.79 30.98
N THR C 252 -29.77 -17.55 29.85
CA THR C 252 -30.46 -18.63 29.14
C THR C 252 -29.86 -18.95 27.78
N MET C 253 -29.27 -17.98 27.09
CA MET C 253 -28.79 -18.26 25.74
C MET C 253 -27.37 -17.77 25.51
N SER C 254 -26.96 -16.71 26.20
CA SER C 254 -25.63 -16.15 25.97
C SER C 254 -24.55 -17.00 26.63
N GLY C 255 -24.83 -17.54 27.81
CA GLY C 255 -23.85 -18.33 28.52
C GLY C 255 -22.76 -17.53 29.19
N VAL C 256 -23.02 -16.27 29.52
CA VAL C 256 -22.04 -15.41 30.16
C VAL C 256 -22.22 -15.37 31.67
N ALA C 257 -23.45 -15.11 32.13
CA ALA C 257 -23.73 -15.08 33.55
C ALA C 257 -24.01 -16.49 34.07
N HIS C 258 -23.85 -16.66 35.38
CA HIS C 258 -24.01 -17.95 36.02
C HIS C 258 -25.36 -18.15 36.69
N ARG C 259 -25.89 -17.11 37.34
CA ARG C 259 -27.20 -17.20 37.97
C ARG C 259 -27.83 -15.82 38.00
N ALA C 260 -29.15 -15.80 38.08
CA ALA C 260 -29.93 -14.57 38.18
C ALA C 260 -30.81 -14.63 39.41
N PHE C 261 -30.89 -13.50 40.12
CA PHE C 261 -31.66 -13.41 41.35
C PHE C 261 -32.76 -12.36 41.21
N GLU C 262 -33.76 -12.46 42.08
CA GLU C 262 -34.96 -11.65 41.95
C GLU C 262 -34.67 -10.17 42.15
N ASN C 263 -33.97 -9.82 43.22
CA ASN C 263 -33.70 -8.42 43.53
C ASN C 263 -32.41 -8.35 44.33
N ASP C 264 -32.06 -7.14 44.78
CA ASP C 264 -30.75 -6.90 45.38
C ASP C 264 -30.58 -7.67 46.69
N VAL C 265 -31.61 -7.66 47.54
CA VAL C 265 -31.50 -8.34 48.83
C VAL C 265 -31.33 -9.84 48.64
N ASP C 266 -32.15 -10.42 47.77
CA ASP C 266 -32.05 -11.86 47.48
C ASP C 266 -30.68 -12.18 46.89
N ALA C 267 -30.20 -11.33 45.98
CA ALA C 267 -28.90 -11.55 45.36
C ALA C 267 -27.79 -11.53 46.39
N LEU C 268 -27.83 -10.59 47.34
CA LEU C 268 -26.77 -10.49 48.33
C LEU C 268 -26.83 -11.65 49.32
N CYS C 269 -28.03 -12.09 49.69
CA CYS C 269 -28.14 -13.26 50.56
C CYS C 269 -27.57 -14.50 49.89
N ASN C 270 -27.93 -14.72 48.63
CA ASN C 270 -27.36 -15.85 47.90
C ASN C 270 -25.86 -15.69 47.70
N LEU C 271 -25.37 -14.46 47.58
CA LEU C 271 -23.94 -14.23 47.45
C LEU C 271 -23.21 -14.65 48.72
N ARG C 272 -23.76 -14.32 49.89
CA ARG C 272 -23.15 -14.78 51.14
C ARG C 272 -23.16 -16.30 51.22
N ASP C 273 -24.30 -16.92 50.87
CA ASP C 273 -24.39 -18.37 50.92
C ASP C 273 -23.37 -19.02 49.99
N PHE C 274 -23.22 -18.48 48.79
CA PHE C 274 -22.27 -19.03 47.83
C PHE C 274 -20.83 -18.80 48.28
N PHE C 275 -20.54 -17.63 48.84
CA PHE C 275 -19.19 -17.35 49.31
C PHE C 275 -18.78 -18.28 50.44
N ASN C 276 -19.76 -18.77 51.20
CA ASN C 276 -19.43 -19.72 52.25
C ASN C 276 -18.82 -21.02 51.72
N TYR C 277 -18.94 -21.29 50.42
CA TYR C 277 -18.44 -22.54 49.86
C TYR C 277 -16.95 -22.49 49.56
N LEU C 278 -16.47 -21.37 49.02
CA LEU C 278 -15.15 -21.30 48.42
C LEU C 278 -14.05 -21.14 49.47
N PRO C 279 -12.83 -21.56 49.15
CA PRO C 279 -11.68 -21.22 49.98
C PRO C 279 -11.23 -19.80 49.74
N LEU C 280 -10.42 -19.29 50.67
CA LEU C 280 -9.94 -17.92 50.57
C LEU C 280 -8.82 -17.75 49.54
N SER C 281 -8.11 -18.82 49.22
CA SER C 281 -6.98 -18.72 48.30
C SER C 281 -6.65 -20.11 47.76
N SER C 282 -5.86 -20.13 46.69
CA SER C 282 -5.41 -21.40 46.13
C SER C 282 -4.37 -22.08 47.00
N GLN C 283 -3.85 -21.41 48.03
CA GLN C 283 -2.95 -22.01 48.99
C GLN C 283 -3.67 -22.78 50.08
N ASP C 284 -4.98 -22.66 50.17
CA ASP C 284 -5.77 -23.29 51.21
C ASP C 284 -6.55 -24.48 50.64
N PRO C 285 -6.82 -25.49 51.46
CA PRO C 285 -7.64 -26.61 50.99
C PRO C 285 -9.11 -26.22 50.91
N ALA C 286 -9.91 -27.14 50.38
CA ALA C 286 -11.34 -26.91 50.30
C ALA C 286 -11.91 -26.78 51.71
N PRO C 287 -12.77 -25.80 51.97
CA PRO C 287 -13.25 -25.58 53.33
C PRO C 287 -14.03 -26.77 53.85
N VAL C 288 -13.89 -27.02 55.16
CA VAL C 288 -14.62 -28.07 55.85
C VAL C 288 -15.44 -27.44 56.95
N ARG C 289 -16.72 -27.76 56.99
CA ARG C 289 -17.66 -27.20 57.95
C ARG C 289 -18.17 -28.29 58.88
N GLU C 290 -18.79 -27.86 59.97
CA GLU C 290 -19.41 -28.80 60.89
C GLU C 290 -20.55 -29.54 60.19
N CYS C 291 -20.59 -30.86 60.35
CA CYS C 291 -21.54 -31.71 59.66
C CYS C 291 -22.41 -32.45 60.66
N HIS C 292 -23.67 -32.66 60.30
CA HIS C 292 -24.60 -33.37 61.15
C HIS C 292 -25.13 -34.64 60.48
C11 BTN D . -22.59 3.81 11.25
O11 BTN D . -23.28 2.85 10.83
C10 BTN D . -22.12 3.82 12.67
C9 BTN D . -20.78 3.06 12.77
C8 BTN D . -20.46 2.75 14.26
C7 BTN D . -19.60 1.48 14.35
C2 BTN D . -18.05 1.87 14.74
S1 BTN D . -17.15 0.91 14.19
C6 BTN D . -17.10 -0.38 15.33
C5 BTN D . -17.20 0.25 16.65
N1 BTN D . -18.05 -0.45 17.44
C3 BTN D . -19.22 0.45 17.77
O3 BTN D . -20.16 0.17 18.44
N2 BTN D . -18.98 1.82 17.06
C4 BTN D . -17.83 1.74 16.41
PG ATP E . 2.87 13.05 -31.32
O1G ATP E . 2.44 12.40 -30.06
O2G ATP E . 4.38 13.31 -31.40
O3G ATP E . 2.11 14.35 -31.64
PB ATP E . 1.33 11.61 -33.42
O1B ATP E . 0.45 10.70 -32.67
O2B ATP E . 0.65 12.84 -34.01
O3B ATP E . 2.56 12.11 -32.57
PA ATP E . 3.01 11.27 -35.83
O1A ATP E . 4.10 12.16 -35.39
O2A ATP E . 2.12 11.81 -36.94
O3A ATP E . 2.07 10.86 -34.62
O5' ATP E . 3.59 9.87 -36.30
C5' ATP E . 3.12 8.64 -35.73
C4' ATP E . 3.86 7.49 -36.37
O4' ATP E . 2.98 6.82 -37.30
C3' ATP E . 5.09 7.88 -37.17
O3' ATP E . 6.25 7.92 -36.35
C2' ATP E . 5.18 6.74 -38.19
O2' ATP E . 5.78 5.58 -37.65
C1' ATP E . 3.70 6.48 -38.47
N9 ATP E . 3.16 7.27 -39.58
C8 ATP E . 2.34 8.36 -39.49
N7 ATP E . 2.00 8.88 -40.65
C5 ATP E . 2.64 8.07 -41.57
C6 ATP E . 2.69 8.07 -42.97
N6 ATP E . 2.05 8.97 -43.74
N1 ATP E . 3.42 7.12 -43.59
C2 ATP E . 4.06 6.21 -42.83
N3 ATP E . 4.09 6.11 -41.50
C4 ATP E . 3.36 7.07 -40.92
MG MG F . 4.25 12.80 -33.43
#